data_4F4Y
#
_entry.id   4F4Y
#
_cell.length_a   53.076
_cell.length_b   103.390
_cell.length_c   112.988
_cell.angle_alpha   90.00
_cell.angle_beta   101.76
_cell.angle_gamma   90.00
#
_symmetry.space_group_name_H-M   'P 1 21 1'
#
loop_
_entity.id
_entity.type
_entity.pdbx_description
1 polymer 'DNA polymerase IV'
2 polymer "DNA (5'-D(*GP*GP*CP*AP*CP*TP*GP*AP*TP*CP*GP*GP*GP*CP*CP*C)-3')"
3 polymer "DNA (5'-D(*TP*TP*AP*CP*GP*CP*CP*CP*TP*GP*AP*TP*CP*AP*GP*TP*GP*CP*C)-3')"
4 non-polymer "2'-DEOXYCYTIDINE-5'-TRIPHOSPHATE"
5 non-polymer 'CALCIUM ION'
6 water water
#
loop_
_entity_poly.entity_id
_entity_poly.type
_entity_poly.pdbx_seq_one_letter_code
_entity_poly.pdbx_strand_id
1 'polypeptide(L)'
;MIVIFVDFDYFFAQVEEVLNPQYKGKPLVVCVYSGRTKTSGAVATANYEARKLGVKAGMPIIKAMQIAPSAIYVPMRKPI
YEAFSNRIMNLLNKHADKIEVASIDEAYLDVTNKVEGNFENGIELARKIKQEILEKEKITVTVGVAPNKILAKIIADKSK
PNGLGVIRPTEVQDFLNELDIDEIPGIGSVLARRLNELGIQKLRDILSKNYNELEKITGKAKALYLLKLAQDEYNEPIRT
RVRKSIGRYLTLPYNTRDVKVILPYLKKAINEAYNKVNGIPMRITVIAIMEDLDILSKGKKFKHGISIDNAYKVAEDLLR
ELLVRDKRRNVRRIGVKLDNIIINKTNLSDFFDIGGHHHHHH
;
A,B
2 'polydeoxyribonucleotide' (DG)(DG)(DC)(DA)(DC)(DT)(DG)(DA)(DT)(DC)(DG)(DG)(DG)(DC)(DC)(DC) C,P
3 'polydeoxyribonucleotide' (DT)(DT)(DA)(DC)(DG)(DC)(DC)(DC)(DT)(DG)(DA)(DT)(DC)(DA)(DG)(DT)(DG)(DC)(DC) D,T
#
loop_
_chem_comp.id
_chem_comp.type
_chem_comp.name
_chem_comp.formula
CA non-polymer 'CALCIUM ION' 'Ca 2'
DA DNA linking 2'-DEOXYADENOSINE-5'-MONOPHOSPHATE 'C10 H14 N5 O6 P'
DC DNA linking 2'-DEOXYCYTIDINE-5'-MONOPHOSPHATE 'C9 H14 N3 O7 P'
DCP non-polymer 2'-DEOXYCYTIDINE-5'-TRIPHOSPHATE 'C9 H16 N3 O13 P3'
DG DNA linking 2'-DEOXYGUANOSINE-5'-MONOPHOSPHATE 'C10 H14 N5 O7 P'
DT DNA linking THYMIDINE-5'-MONOPHOSPHATE 'C10 H15 N2 O8 P'
#
# COMPACT_ATOMS: atom_id res chain seq x y z
N MET A 1 4.61 1.40 1.34
CA MET A 1 4.33 0.65 2.55
C MET A 1 5.05 1.27 3.75
N ILE A 2 4.40 1.26 4.90
CA ILE A 2 5.00 1.78 6.11
C ILE A 2 4.97 0.70 7.21
N VAL A 3 6.14 0.20 7.56
CA VAL A 3 6.25 -0.93 8.46
C VAL A 3 6.83 -0.54 9.82
N ILE A 4 6.18 -0.99 10.88
CA ILE A 4 6.68 -0.78 12.24
C ILE A 4 7.06 -2.10 12.90
N PHE A 5 8.36 -2.31 13.03
CA PHE A 5 8.89 -3.51 13.68
C PHE A 5 9.07 -3.29 15.17
N VAL A 6 8.63 -4.26 15.96
CA VAL A 6 8.64 -4.15 17.40
C VAL A 6 9.39 -5.34 17.99
N ASP A 7 10.31 -5.02 18.89
CA ASP A 7 11.31 -5.97 19.38
C ASP A 7 11.57 -5.71 20.87
N PHE A 8 11.18 -6.62 21.75
CA PHE A 8 11.12 -6.35 23.20
C PHE A 8 12.47 -6.43 23.92
N ASP A 9 13.08 -5.30 24.27
CA ASP A 9 14.40 -5.31 24.95
C ASP A 9 14.61 -6.43 25.98
N TYR A 10 15.78 -7.06 25.91
CA TYR A 10 16.18 -8.19 26.78
C TYR A 10 15.04 -9.01 27.38
N PHE A 11 14.11 -9.42 26.53
CA PHE A 11 12.75 -9.83 26.92
C PHE A 11 12.58 -10.62 28.20
N PHE A 12 13.07 -11.85 28.23
CA PHE A 12 12.84 -12.74 29.38
C PHE A 12 13.30 -12.10 30.69
N ALA A 13 14.52 -11.59 30.65
CA ALA A 13 15.14 -10.87 31.77
C ALA A 13 14.26 -9.70 32.19
N GLN A 14 13.82 -8.92 31.22
CA GLN A 14 13.00 -7.75 31.54
C GLN A 14 11.65 -8.11 32.19
N VAL A 15 11.04 -9.20 31.74
CA VAL A 15 9.84 -9.70 32.39
C VAL A 15 10.15 -10.11 33.82
N GLU A 16 11.32 -10.72 34.00
CA GLU A 16 11.72 -11.09 35.35
C GLU A 16 11.87 -9.85 36.22
N GLU A 17 12.26 -8.73 35.62
CA GLU A 17 12.37 -7.48 36.37
C GLU A 17 11.00 -6.89 36.67
N VAL A 18 10.07 -7.03 35.75
CA VAL A 18 8.71 -6.54 35.96
C VAL A 18 8.07 -7.31 37.12
N LEU A 19 8.30 -8.62 37.15
CA LEU A 19 7.75 -9.46 38.21
C LEU A 19 8.50 -9.34 39.55
N ASN A 20 9.80 -9.02 39.49
CA ASN A 20 10.59 -8.83 40.69
C ASN A 20 11.47 -7.61 40.55
N PRO A 21 10.94 -6.41 40.85
CA PRO A 21 11.65 -5.16 40.60
C PRO A 21 12.92 -4.98 41.45
N GLN A 22 13.11 -5.81 42.46
CA GLN A 22 14.37 -5.80 43.21
C GLN A 22 15.54 -6.18 42.31
N TYR A 23 15.23 -6.87 41.21
CA TYR A 23 16.24 -7.34 40.26
C TYR A 23 16.77 -6.25 39.34
N LYS A 24 15.97 -5.20 39.13
CA LYS A 24 16.35 -4.09 38.25
C LYS A 24 17.64 -3.37 38.66
N GLY A 25 18.40 -2.91 37.67
CA GLY A 25 19.58 -2.11 37.92
C GLY A 25 20.78 -2.92 38.39
N LYS A 26 20.57 -4.21 38.59
CA LYS A 26 21.65 -5.13 38.93
C LYS A 26 21.71 -6.22 37.88
N PRO A 27 22.88 -6.85 37.71
CA PRO A 27 22.96 -7.94 36.73
C PRO A 27 21.97 -9.06 37.03
N LEU A 28 21.17 -9.40 36.02
CA LEU A 28 20.22 -10.50 36.13
C LEU A 28 20.39 -11.42 34.93
N VAL A 29 20.40 -12.72 35.18
CA VAL A 29 20.63 -13.67 34.12
C VAL A 29 19.55 -14.74 34.13
N VAL A 30 18.87 -14.87 33.00
CA VAL A 30 17.82 -15.86 32.82
C VAL A 30 18.39 -17.10 32.15
N CYS A 31 18.38 -18.19 32.92
CA CYS A 31 19.04 -19.43 32.57
C CYS A 31 18.07 -20.58 32.36
N VAL A 32 18.45 -21.49 31.49
CA VAL A 32 17.72 -22.73 31.31
C VAL A 32 18.50 -23.83 31.98
N TYR A 33 18.05 -24.30 33.14
CA TYR A 33 18.75 -25.36 33.84
C TYR A 33 18.28 -26.73 33.36
N SER A 34 19.21 -27.63 33.10
CA SER A 34 18.85 -28.94 32.58
C SER A 34 18.55 -29.94 33.68
N GLY A 35 19.06 -29.68 34.88
CA GLY A 35 18.85 -30.58 36.00
C GLY A 35 19.90 -31.66 36.17
N ARG A 36 20.94 -31.65 35.35
CA ARG A 36 22.07 -32.57 35.56
C ARG A 36 22.78 -32.21 36.86
N THR A 37 23.27 -30.99 36.93
CA THR A 37 23.96 -30.49 38.12
C THR A 37 23.26 -29.24 38.60
N LYS A 38 23.88 -28.56 39.56
CA LYS A 38 23.36 -27.31 40.07
C LYS A 38 23.52 -26.20 39.03
N THR A 39 24.53 -26.31 38.19
CA THR A 39 24.85 -25.23 37.26
C THR A 39 24.65 -25.63 35.80
N SER A 40 24.39 -26.90 35.54
CA SER A 40 24.23 -27.37 34.16
C SER A 40 23.07 -26.66 33.47
N GLY A 41 23.36 -25.95 32.40
CA GLY A 41 22.33 -25.25 31.67
C GLY A 41 22.88 -24.12 30.83
N ALA A 42 22.00 -23.27 30.32
CA ALA A 42 22.46 -22.26 29.38
C ALA A 42 21.79 -20.94 29.59
N VAL A 43 22.50 -19.87 29.26
CA VAL A 43 21.97 -18.53 29.41
C VAL A 43 20.97 -18.24 28.28
N ALA A 44 19.72 -18.03 28.65
CA ALA A 44 18.69 -17.69 27.67
C ALA A 44 18.80 -16.22 27.36
N THR A 45 18.93 -15.40 28.41
CA THR A 45 19.11 -13.97 28.18
C THR A 45 19.65 -13.28 29.42
N ALA A 46 20.03 -12.01 29.29
CA ALA A 46 20.52 -11.26 30.43
C ALA A 46 20.20 -9.79 30.26
N ASN A 47 19.95 -9.09 31.37
CA ASN A 47 19.78 -7.64 31.26
C ASN A 47 21.12 -6.99 30.88
N TYR A 48 21.11 -5.69 30.63
CA TYR A 48 22.33 -5.03 30.15
C TYR A 48 23.41 -4.89 31.20
N GLU A 49 23.01 -4.86 32.47
CA GLU A 49 23.96 -4.84 33.57
C GLU A 49 24.84 -6.06 33.51
N ALA A 50 24.21 -7.22 33.29
CA ALA A 50 24.91 -8.49 33.19
C ALA A 50 25.72 -8.57 31.89
N ARG A 51 25.19 -7.98 30.82
CA ARG A 51 25.88 -8.00 29.53
C ARG A 51 27.16 -7.15 29.58
N LYS A 52 27.15 -6.11 30.41
CA LYS A 52 28.34 -5.28 30.61
C LYS A 52 29.49 -6.13 31.15
N LEU A 53 29.15 -7.11 31.98
CA LEU A 53 30.14 -7.98 32.58
C LEU A 53 30.59 -9.10 31.65
N GLY A 54 29.93 -9.23 30.50
CA GLY A 54 30.34 -10.19 29.49
C GLY A 54 29.40 -11.36 29.33
N VAL A 55 28.35 -11.39 30.13
CA VAL A 55 27.35 -12.44 30.00
C VAL A 55 26.70 -12.31 28.62
N LYS A 56 26.69 -13.40 27.86
CA LYS A 56 26.09 -13.41 26.53
C LYS A 56 25.07 -14.52 26.44
N ALA A 57 24.04 -14.31 25.64
CA ALA A 57 23.02 -15.33 25.46
C ALA A 57 23.64 -16.52 24.76
N GLY A 58 23.21 -17.71 25.14
CA GLY A 58 23.69 -18.94 24.53
C GLY A 58 24.81 -19.56 25.35
N MET A 59 25.39 -18.78 26.26
CA MET A 59 26.57 -19.24 26.98
C MET A 59 26.22 -20.18 28.13
N PRO A 60 27.09 -21.13 28.44
CA PRO A 60 26.85 -21.99 29.58
C PRO A 60 26.76 -21.17 30.87
N ILE A 61 25.92 -21.62 31.78
CA ILE A 61 25.69 -20.94 33.03
C ILE A 61 26.97 -20.76 33.83
N ILE A 62 27.71 -21.86 33.99
CA ILE A 62 28.92 -21.85 34.78
C ILE A 62 29.93 -20.82 34.26
N LYS A 63 29.91 -20.61 32.95
CA LYS A 63 30.81 -19.67 32.30
C LYS A 63 30.40 -18.23 32.59
N ALA A 64 29.11 -17.97 32.63
CA ALA A 64 28.61 -16.66 32.97
C ALA A 64 28.95 -16.38 34.44
N MET A 65 28.83 -17.43 35.26
CA MET A 65 29.14 -17.34 36.68
C MET A 65 30.62 -17.10 36.93
N GLN A 66 31.48 -17.49 35.99
CA GLN A 66 32.88 -17.11 36.13
C GLN A 66 33.10 -15.59 36.02
N ILE A 67 32.47 -14.97 35.04
CA ILE A 67 32.69 -13.54 34.76
C ILE A 67 31.73 -12.64 35.51
N ALA A 68 30.60 -13.19 35.92
CA ALA A 68 29.65 -12.41 36.69
C ALA A 68 29.13 -13.17 37.91
N PRO A 69 30.02 -13.50 38.86
CA PRO A 69 29.65 -14.33 40.02
C PRO A 69 28.55 -13.72 40.88
N SER A 70 28.38 -12.41 40.84
CA SER A 70 27.43 -11.74 41.73
C SER A 70 26.12 -11.37 41.04
N ALA A 71 26.00 -11.73 39.78
CA ALA A 71 24.74 -11.56 39.06
C ALA A 71 23.66 -12.41 39.73
N ILE A 72 22.39 -12.06 39.48
CA ILE A 72 21.27 -12.89 39.91
C ILE A 72 20.93 -13.90 38.83
N TYR A 73 21.00 -15.18 39.16
CA TYR A 73 20.74 -16.25 38.20
C TYR A 73 19.39 -16.91 38.40
N VAL A 74 18.43 -16.58 37.54
CA VAL A 74 17.08 -17.12 37.69
C VAL A 74 16.70 -18.11 36.59
N PRO A 75 15.87 -19.11 36.94
CA PRO A 75 15.40 -20.09 35.97
C PRO A 75 14.38 -19.50 35.00
N MET A 76 14.44 -19.93 33.75
CA MET A 76 13.52 -19.47 32.73
C MET A 76 12.09 -19.92 33.05
N ARG A 77 11.15 -19.00 32.93
CA ARG A 77 9.74 -19.32 33.10
C ARG A 77 9.00 -18.94 31.82
N LYS A 78 9.14 -19.78 30.81
CA LYS A 78 8.58 -19.49 29.49
C LYS A 78 7.07 -19.17 29.44
N PRO A 79 6.23 -19.91 30.20
CA PRO A 79 4.79 -19.61 30.16
C PRO A 79 4.44 -18.15 30.45
N ILE A 80 5.15 -17.55 31.40
CA ILE A 80 4.88 -16.17 31.78
C ILE A 80 5.26 -15.21 30.67
N TYR A 81 6.45 -15.44 30.08
CA TYR A 81 6.95 -14.60 29.01
C TYR A 81 6.01 -14.72 27.80
N GLU A 82 5.47 -15.92 27.62
CA GLU A 82 4.46 -16.19 26.60
C GLU A 82 3.21 -15.35 26.84
N ALA A 83 2.73 -15.35 28.08
CA ALA A 83 1.57 -14.54 28.40
C ALA A 83 1.83 -13.05 28.12
N PHE A 84 2.99 -12.57 28.56
CA PHE A 84 3.38 -11.16 28.38
C PHE A 84 3.37 -10.80 26.92
N SER A 85 4.02 -11.65 26.14
CA SER A 85 4.04 -11.52 24.69
C SER A 85 2.63 -11.42 24.14
N ASN A 86 1.78 -12.39 24.47
CA ASN A 86 0.39 -12.39 24.01
C ASN A 86 -0.30 -11.07 24.26
N ARG A 87 -0.25 -10.59 25.50
CA ARG A 87 -0.90 -9.32 25.80
C ARG A 87 -0.33 -8.17 24.95
N ILE A 88 0.99 -8.11 24.85
CA ILE A 88 1.60 -7.03 24.07
C ILE A 88 1.23 -7.06 22.58
N MET A 89 1.27 -8.24 21.98
CA MET A 89 0.82 -8.44 20.60
C MET A 89 -0.64 -8.06 20.43
N ASN A 90 -1.44 -8.35 21.43
CA ASN A 90 -2.83 -7.92 21.38
C ASN A 90 -2.90 -6.40 21.34
N LEU A 91 -2.07 -5.74 22.15
CA LEU A 91 -2.01 -4.29 22.11
C LEU A 91 -1.63 -3.80 20.71
N LEU A 92 -0.66 -4.47 20.09
CA LEU A 92 -0.16 -4.06 18.79
C LEU A 92 -1.21 -4.22 17.71
N ASN A 93 -2.01 -5.28 17.83
CA ASN A 93 -3.00 -5.61 16.81
C ASN A 93 -4.02 -4.51 16.58
N LYS A 94 -4.26 -3.71 17.62
CA LYS A 94 -5.24 -2.64 17.55
C LYS A 94 -4.72 -1.42 16.80
N HIS A 95 -3.42 -1.40 16.50
CA HIS A 95 -2.79 -0.27 15.83
C HIS A 95 -2.49 -0.53 14.36
N ALA A 96 -2.43 -1.81 13.99
CA ALA A 96 -2.00 -2.18 12.66
C ALA A 96 -3.15 -2.53 11.74
N ASP A 97 -2.95 -2.27 10.46
CA ASP A 97 -3.79 -2.84 9.44
C ASP A 97 -3.55 -4.34 9.46
N LYS A 98 -2.28 -4.73 9.44
CA LYS A 98 -1.88 -6.13 9.55
C LYS A 98 -0.72 -6.28 10.51
N ILE A 99 -0.72 -7.37 11.27
CA ILE A 99 0.41 -7.70 12.11
C ILE A 99 0.95 -9.10 11.80
N GLU A 100 2.28 -9.21 11.80
CA GLU A 100 2.94 -10.49 11.60
C GLU A 100 3.78 -10.81 12.83
N VAL A 101 3.29 -11.70 13.67
CA VAL A 101 4.02 -12.07 14.87
C VAL A 101 5.13 -13.04 14.49
N ALA A 102 6.32 -12.49 14.28
CA ALA A 102 7.49 -13.26 13.87
C ALA A 102 7.92 -14.23 14.94
N SER A 103 7.60 -13.90 16.19
CA SER A 103 7.79 -14.82 17.33
C SER A 103 7.35 -14.21 18.64
N ILE A 104 7.52 -14.98 19.71
CA ILE A 104 7.25 -14.55 21.07
C ILE A 104 7.86 -13.19 21.35
N ASP A 105 8.92 -12.88 20.63
CA ASP A 105 9.70 -11.71 20.96
C ASP A 105 9.42 -10.52 20.05
N GLU A 106 8.88 -10.76 18.86
CA GLU A 106 8.83 -9.64 17.95
C GLU A 106 7.76 -9.75 16.88
N ALA A 107 7.39 -8.58 16.34
CA ALA A 107 6.32 -8.54 15.35
C ALA A 107 6.43 -7.35 14.43
N TYR A 108 5.84 -7.47 13.25
CA TYR A 108 5.80 -6.40 12.27
C TYR A 108 4.38 -5.90 12.13
N LEU A 109 4.21 -4.59 12.02
CA LEU A 109 2.88 -4.00 11.87
C LEU A 109 2.84 -3.14 10.62
N ASP A 110 1.97 -3.50 9.68
CA ASP A 110 1.74 -2.62 8.53
C ASP A 110 0.75 -1.54 8.95
N VAL A 111 1.22 -0.30 8.97
CA VAL A 111 0.42 0.83 9.44
C VAL A 111 0.08 1.81 8.34
N THR A 112 0.36 1.43 7.10
CA THR A 112 0.25 2.32 5.94
C THR A 112 -1.08 3.08 5.87
N ASN A 113 -2.18 2.33 5.89
CA ASN A 113 -3.51 2.94 5.85
C ASN A 113 -3.83 3.68 7.12
N LYS A 114 -3.46 3.08 8.25
CA LYS A 114 -3.64 3.68 9.58
C LYS A 114 -3.09 5.10 9.63
N VAL A 115 -1.87 5.29 9.13
CA VAL A 115 -1.21 6.60 9.15
C VAL A 115 -1.44 7.31 7.83
N GLU A 116 -2.24 6.69 6.96
CA GLU A 116 -2.67 7.28 5.69
C GLU A 116 -1.51 7.67 4.79
N GLY A 117 -0.48 6.82 4.76
CA GLY A 117 0.68 7.06 3.92
C GLY A 117 1.68 8.00 4.54
N ASN A 118 1.26 8.75 5.55
CA ASN A 118 2.13 9.72 6.19
C ASN A 118 3.17 9.04 7.10
N PHE A 119 4.38 8.88 6.57
CA PHE A 119 5.45 8.20 7.27
C PHE A 119 5.78 8.86 8.61
N GLU A 120 5.67 10.18 8.66
CA GLU A 120 5.94 10.93 9.89
C GLU A 120 4.94 10.56 10.98
N ASN A 121 3.66 10.52 10.61
CA ASN A 121 2.65 10.05 11.54
C ASN A 121 2.86 8.59 11.89
N GLY A 122 3.62 7.88 11.05
CA GLY A 122 4.00 6.51 11.34
C GLY A 122 5.01 6.47 12.47
N ILE A 123 5.98 7.38 12.41
CA ILE A 123 6.95 7.51 13.48
C ILE A 123 6.25 7.91 14.78
N GLU A 124 5.36 8.90 14.70
CA GLU A 124 4.62 9.32 15.88
C GLU A 124 3.80 8.18 16.48
N LEU A 125 3.15 7.42 15.61
CA LEU A 125 2.41 6.23 16.03
C LEU A 125 3.33 5.24 16.73
N ALA A 126 4.54 5.07 16.21
CA ALA A 126 5.54 4.22 16.85
C ALA A 126 5.87 4.71 18.26
N ARG A 127 5.99 6.02 18.43
CA ARG A 127 6.18 6.60 19.76
C ARG A 127 5.00 6.27 20.68
N LYS A 128 3.78 6.41 20.14
CA LYS A 128 2.59 6.12 20.93
C LYS A 128 2.58 4.66 21.37
N ILE A 129 3.03 3.79 20.47
CA ILE A 129 3.09 2.34 20.73
C ILE A 129 4.09 1.99 21.83
N LYS A 130 5.31 2.53 21.71
CA LYS A 130 6.30 2.40 22.78
C LYS A 130 5.70 2.87 24.11
N GLN A 131 5.14 4.08 24.09
CA GLN A 131 4.55 4.69 25.27
C GLN A 131 3.49 3.78 25.88
N GLU A 132 2.63 3.20 25.04
CA GLU A 132 1.51 2.41 25.53
C GLU A 132 1.99 1.11 26.15
N ILE A 133 2.86 0.40 25.44
CA ILE A 133 3.45 -0.81 25.99
C ILE A 133 4.14 -0.53 27.34
N LEU A 134 4.82 0.61 27.44
CA LEU A 134 5.47 0.97 28.70
C LEU A 134 4.45 1.21 29.80
N GLU A 135 3.38 1.93 29.47
CA GLU A 135 2.33 2.28 30.43
C GLU A 135 1.59 1.06 30.96
N LYS A 136 1.20 0.17 30.05
CA LYS A 136 0.37 -0.97 30.41
C LYS A 136 1.16 -2.14 30.95
N GLU A 137 2.30 -2.44 30.34
CA GLU A 137 3.01 -3.66 30.70
C GLU A 137 4.33 -3.43 31.42
N LYS A 138 4.76 -2.17 31.48
CA LYS A 138 6.02 -1.81 32.11
C LYS A 138 7.23 -2.40 31.38
N ILE A 139 7.01 -2.77 30.12
CA ILE A 139 8.04 -3.36 29.26
C ILE A 139 8.53 -2.32 28.25
N THR A 140 9.85 -2.17 28.16
CA THR A 140 10.44 -1.29 27.15
C THR A 140 10.74 -2.12 25.92
N VAL A 141 10.59 -1.51 24.75
CA VAL A 141 10.89 -2.18 23.50
C VAL A 141 11.65 -1.26 22.58
N THR A 142 12.22 -1.85 21.53
CA THR A 142 12.85 -1.11 20.45
C THR A 142 12.00 -1.25 19.20
N VAL A 143 11.89 -0.15 18.47
CA VAL A 143 11.04 -0.06 17.29
C VAL A 143 11.84 0.36 16.06
N GLY A 144 11.56 -0.29 14.93
CA GLY A 144 12.08 0.15 13.65
C GLY A 144 10.96 0.66 12.78
N VAL A 145 11.15 1.84 12.19
CA VAL A 145 10.19 2.35 11.21
C VAL A 145 10.88 2.46 9.85
N ALA A 146 10.31 1.81 8.85
CA ALA A 146 10.95 1.73 7.53
C ALA A 146 9.92 1.38 6.46
N PRO A 147 10.27 1.58 5.18
CA PRO A 147 9.34 1.25 4.10
C PRO A 147 9.22 -0.26 3.79
N ASN A 148 9.85 -1.11 4.59
CA ASN A 148 9.68 -2.56 4.45
C ASN A 148 10.05 -3.31 5.73
N LYS A 149 9.81 -4.62 5.71
CA LYS A 149 10.09 -5.48 6.85
C LYS A 149 11.57 -5.50 7.23
N ILE A 150 12.41 -5.86 6.26
CA ILE A 150 13.84 -6.02 6.48
C ILE A 150 14.51 -4.76 7.02
N LEU A 151 14.28 -3.63 6.36
CA LEU A 151 14.88 -2.36 6.76
C LEU A 151 14.46 -1.97 8.18
N ALA A 152 13.19 -2.23 8.50
CA ALA A 152 12.66 -1.96 9.83
C ALA A 152 13.40 -2.78 10.85
N LYS A 153 13.58 -4.07 10.53
CA LYS A 153 14.36 -4.95 11.40
C LYS A 153 15.80 -4.45 11.61
N ILE A 154 16.46 -4.12 10.52
CA ILE A 154 17.87 -3.72 10.56
C ILE A 154 18.06 -2.43 11.36
N ILE A 155 17.21 -1.44 11.12
CA ILE A 155 17.32 -0.20 11.88
C ILE A 155 16.90 -0.40 13.33
N ALA A 156 16.06 -1.39 13.58
CA ALA A 156 15.69 -1.70 14.94
C ALA A 156 16.87 -2.28 15.72
N ASP A 157 17.45 -3.33 15.18
CA ASP A 157 18.52 -4.03 15.90
C ASP A 157 19.78 -3.16 16.03
N LYS A 158 19.80 -2.06 15.29
CA LYS A 158 20.89 -1.10 15.33
C LYS A 158 20.59 0.01 16.33
N SER A 159 19.49 -0.14 17.08
CA SER A 159 19.02 0.92 17.96
C SER A 159 18.71 0.43 19.39
N LYS A 160 19.02 -0.82 19.67
CA LYS A 160 18.73 -1.41 20.99
C LYS A 160 19.65 -0.87 22.08
N PRO A 161 19.12 -0.74 23.32
CA PRO A 161 17.74 -1.02 23.73
C PRO A 161 16.90 0.25 23.84
N ASN A 162 15.59 0.07 23.99
CA ASN A 162 14.65 1.17 24.19
C ASN A 162 14.72 2.21 23.09
N GLY A 163 15.06 1.75 21.88
CA GLY A 163 15.32 2.66 20.78
C GLY A 163 14.17 2.88 19.83
N LEU A 164 14.36 3.83 18.91
CA LEU A 164 13.38 4.15 17.90
C LEU A 164 14.11 4.50 16.61
N GLY A 165 14.48 3.46 15.86
CA GLY A 165 15.15 3.64 14.59
C GLY A 165 14.19 4.05 13.49
N VAL A 166 14.69 4.90 12.60
CA VAL A 166 13.87 5.41 11.51
C VAL A 166 14.69 5.43 10.23
N ILE A 167 14.09 4.90 9.16
CA ILE A 167 14.65 5.03 7.82
C ILE A 167 13.57 5.57 6.89
N ARG A 168 13.53 6.89 6.76
CA ARG A 168 12.57 7.54 5.88
C ARG A 168 12.84 7.09 4.45
N PRO A 169 11.80 7.11 3.58
CA PRO A 169 11.99 6.76 2.18
C PRO A 169 13.04 7.63 1.50
N THR A 170 13.21 8.85 2.01
CA THR A 170 14.24 9.76 1.54
C THR A 170 15.63 9.12 1.65
N GLU A 171 15.84 8.39 2.74
CA GLU A 171 17.19 7.96 3.14
C GLU A 171 17.55 6.53 2.73
N VAL A 172 16.55 5.77 2.26
CA VAL A 172 16.70 4.34 1.97
C VAL A 172 17.91 4.00 1.09
N GLN A 173 18.02 4.69 -0.04
CA GLN A 173 19.10 4.43 -0.98
C GLN A 173 20.47 4.66 -0.34
N ASP A 174 20.56 5.67 0.51
CA ASP A 174 21.81 5.97 1.19
C ASP A 174 22.12 4.88 2.19
N PHE A 175 21.08 4.36 2.82
CA PHE A 175 21.23 3.29 3.80
C PHE A 175 21.71 2.00 3.13
N LEU A 176 21.23 1.75 1.91
CA LEU A 176 21.64 0.57 1.17
C LEU A 176 23.04 0.72 0.57
N ASN A 177 23.41 1.95 0.20
CA ASN A 177 24.75 2.22 -0.35
C ASN A 177 25.87 1.96 0.65
N GLU A 178 25.54 1.99 1.93
CA GLU A 178 26.51 1.75 3.00
C GLU A 178 25.97 0.75 4.01
N LEU A 179 25.78 -0.49 3.57
CA LEU A 179 25.24 -1.53 4.43
C LEU A 179 26.07 -2.80 4.28
N ASP A 180 26.62 -3.27 5.39
CA ASP A 180 27.42 -4.49 5.39
C ASP A 180 26.52 -5.73 5.24
N ILE A 181 27.12 -6.82 4.78
CA ILE A 181 26.40 -8.08 4.59
C ILE A 181 26.04 -8.73 5.92
N ASP A 182 26.98 -8.72 6.86
CA ASP A 182 26.73 -9.26 8.19
C ASP A 182 25.57 -8.54 8.91
N GLU A 183 25.26 -7.33 8.44
CA GLU A 183 24.14 -6.56 8.99
C GLU A 183 22.81 -6.91 8.33
N ILE A 184 22.83 -7.91 7.44
CA ILE A 184 21.61 -8.33 6.78
C ILE A 184 20.99 -9.52 7.53
N PRO A 185 19.68 -9.45 7.80
CA PRO A 185 18.97 -10.56 8.45
C PRO A 185 18.83 -11.76 7.52
N GLY A 186 19.23 -12.93 7.97
CA GLY A 186 19.12 -14.14 7.17
C GLY A 186 20.41 -14.53 6.49
N ILE A 187 21.49 -13.81 6.78
CA ILE A 187 22.81 -14.16 6.26
C ILE A 187 23.69 -14.61 7.42
N GLY A 188 24.16 -15.86 7.34
CA GLY A 188 24.93 -16.47 8.41
C GLY A 188 26.27 -15.83 8.69
N SER A 189 27.15 -16.54 9.38
CA SER A 189 28.50 -16.07 9.61
C SER A 189 29.41 -16.93 8.75
N VAL A 190 29.03 -18.19 8.63
CA VAL A 190 29.64 -19.09 7.67
C VAL A 190 29.46 -18.50 6.27
N LEU A 191 28.30 -17.89 6.05
CA LEU A 191 28.01 -17.26 4.75
C LEU A 191 28.53 -15.84 4.68
N ALA A 192 28.47 -15.10 5.79
CA ALA A 192 28.92 -13.72 5.79
C ALA A 192 30.40 -13.59 5.47
N ARG A 193 31.23 -14.37 6.16
CA ARG A 193 32.67 -14.25 6.01
C ARG A 193 33.14 -14.57 4.60
N ARG A 194 32.39 -15.41 3.89
CA ARG A 194 32.73 -15.76 2.51
C ARG A 194 32.53 -14.56 1.60
N LEU A 195 31.30 -14.05 1.57
CA LEU A 195 30.98 -12.86 0.79
C LEU A 195 31.94 -11.72 1.14
N ASN A 196 32.04 -11.43 2.42
CA ASN A 196 32.91 -10.38 2.97
C ASN A 196 34.34 -10.51 2.46
N GLU A 197 34.89 -11.71 2.64
CA GLU A 197 36.24 -12.00 2.16
C GLU A 197 36.24 -12.03 0.65
N LEU A 198 35.62 -13.05 0.07
CA LEU A 198 35.64 -13.25 -1.38
C LEU A 198 34.92 -12.15 -2.16
N GLY A 199 35.30 -10.90 -1.92
CA GLY A 199 34.84 -9.78 -2.71
C GLY A 199 33.75 -8.90 -2.08
N ILE A 200 32.60 -9.50 -1.80
CA ILE A 200 31.42 -8.74 -1.43
C ILE A 200 31.40 -8.30 0.04
N GLN A 201 32.04 -7.17 0.32
CA GLN A 201 31.99 -6.61 1.66
C GLN A 201 30.58 -6.11 1.96
N LYS A 202 30.15 -5.10 1.23
CA LYS A 202 28.84 -4.49 1.44
C LYS A 202 27.79 -5.00 0.46
N LEU A 203 26.55 -4.55 0.67
CA LEU A 203 25.40 -4.99 -0.11
C LEU A 203 25.51 -4.58 -1.58
N ARG A 204 25.90 -3.32 -1.80
CA ARG A 204 26.04 -2.79 -3.15
C ARG A 204 27.05 -3.55 -4.00
N ASP A 205 27.94 -4.29 -3.34
CA ASP A 205 28.91 -5.12 -4.04
C ASP A 205 28.26 -6.36 -4.66
N ILE A 206 26.93 -6.38 -4.66
CA ILE A 206 26.20 -7.48 -5.26
C ILE A 206 25.63 -7.05 -6.60
N LEU A 207 25.35 -5.75 -6.72
CA LEU A 207 24.84 -5.18 -7.98
C LEU A 207 25.83 -5.39 -9.11
N SER A 208 27.10 -5.56 -8.75
CA SER A 208 28.18 -5.67 -9.73
C SER A 208 29.06 -6.88 -9.44
N LYS A 209 28.43 -8.07 -9.42
CA LYS A 209 29.14 -9.31 -9.17
C LYS A 209 28.39 -10.42 -9.88
N ASN A 210 28.94 -10.89 -10.99
CA ASN A 210 28.25 -11.83 -11.88
C ASN A 210 27.37 -12.85 -11.15
N TYR A 211 26.07 -12.53 -11.15
CA TYR A 211 25.00 -13.23 -10.43
C TYR A 211 25.25 -14.71 -10.13
N ASN A 212 25.79 -15.44 -11.11
CA ASN A 212 26.00 -16.87 -10.99
C ASN A 212 27.02 -17.24 -9.91
N GLU A 213 28.19 -16.61 -9.94
CA GLU A 213 29.23 -16.85 -8.94
C GLU A 213 28.76 -16.54 -7.53
N LEU A 214 27.70 -15.73 -7.43
CA LEU A 214 27.06 -15.45 -6.16
C LEU A 214 26.12 -16.60 -5.79
N GLU A 215 25.30 -16.99 -6.75
CA GLU A 215 24.37 -18.11 -6.59
C GLU A 215 25.08 -19.38 -6.16
N LYS A 216 26.34 -19.52 -6.55
CA LYS A 216 27.14 -20.65 -6.13
C LYS A 216 27.27 -20.67 -4.62
N ILE A 217 27.53 -19.50 -4.05
CA ILE A 217 27.87 -19.38 -2.63
C ILE A 217 26.65 -19.30 -1.74
N THR A 218 25.61 -18.60 -2.20
CA THR A 218 24.43 -18.42 -1.36
C THR A 218 23.29 -19.39 -1.67
N GLY A 219 23.13 -19.73 -2.94
CA GLY A 219 21.99 -20.50 -3.40
C GLY A 219 21.07 -19.59 -4.18
N LYS A 220 20.05 -20.14 -4.81
CA LYS A 220 19.13 -19.33 -5.60
C LYS A 220 18.33 -18.38 -4.70
N ALA A 221 17.80 -18.93 -3.62
CA ALA A 221 16.96 -18.17 -2.70
C ALA A 221 17.67 -16.95 -2.17
N LYS A 222 18.74 -17.18 -1.41
CA LYS A 222 19.47 -16.09 -0.78
C LYS A 222 20.04 -15.08 -1.77
N ALA A 223 20.48 -15.54 -2.95
CA ALA A 223 21.03 -14.63 -3.95
C ALA A 223 19.96 -13.72 -4.51
N LEU A 224 18.79 -14.30 -4.75
CA LEU A 224 17.64 -13.56 -5.25
C LEU A 224 17.25 -12.50 -4.22
N TYR A 225 17.20 -12.95 -2.97
CA TYR A 225 16.89 -12.10 -1.83
C TYR A 225 17.82 -10.90 -1.77
N LEU A 226 19.11 -11.17 -1.66
CA LEU A 226 20.13 -10.13 -1.57
C LEU A 226 20.12 -9.21 -2.77
N LEU A 227 19.77 -9.77 -3.93
CA LEU A 227 19.72 -8.99 -5.15
C LEU A 227 18.59 -7.97 -5.09
N LYS A 228 17.36 -8.45 -4.97
CA LYS A 228 16.23 -7.53 -4.97
C LYS A 228 16.35 -6.57 -3.79
N LEU A 229 16.99 -7.05 -2.74
CA LEU A 229 17.19 -6.28 -1.52
C LEU A 229 18.08 -5.10 -1.84
N ALA A 230 19.22 -5.38 -2.48
CA ALA A 230 20.17 -4.35 -2.88
C ALA A 230 19.57 -3.43 -3.93
N GLN A 231 18.73 -4.00 -4.80
CA GLN A 231 18.12 -3.25 -5.90
C GLN A 231 16.96 -2.39 -5.42
N ASP A 232 16.70 -2.43 -4.12
CA ASP A 232 15.55 -1.77 -3.51
C ASP A 232 14.27 -2.25 -4.12
N GLU A 233 14.17 -3.55 -4.35
CA GLU A 233 12.96 -4.13 -4.94
C GLU A 233 12.45 -5.28 -4.07
N TYR A 234 12.81 -5.25 -2.80
CA TYR A 234 12.22 -6.13 -1.81
C TYR A 234 11.00 -5.43 -1.25
N ASN A 235 9.88 -6.14 -1.16
CA ASN A 235 8.62 -5.51 -0.75
C ASN A 235 7.76 -6.36 0.18
N GLU A 236 8.20 -7.59 0.44
CA GLU A 236 7.41 -8.62 1.14
C GLU A 236 6.32 -8.14 2.10
N PRO A 237 5.07 -8.52 1.82
CA PRO A 237 3.91 -8.02 2.56
C PRO A 237 3.86 -8.61 3.96
N ILE A 238 3.14 -7.92 4.86
CA ILE A 238 2.92 -8.39 6.21
C ILE A 238 1.87 -9.47 6.20
N ARG A 239 2.24 -10.64 6.69
CA ARG A 239 1.41 -11.83 6.59
C ARG A 239 1.26 -12.51 7.95
N THR A 240 0.03 -12.79 8.35
CA THR A 240 -0.21 -13.56 9.57
C THR A 240 0.56 -14.87 9.46
N ARG A 241 1.28 -15.23 10.52
CA ARG A 241 2.16 -16.39 10.46
C ARG A 241 1.56 -17.60 11.16
N VAL A 242 1.73 -18.75 10.54
CA VAL A 242 1.17 -19.99 11.09
C VAL A 242 2.24 -20.99 11.47
N ARG A 243 2.23 -21.38 12.74
CA ARG A 243 3.07 -22.44 13.28
C ARG A 243 3.04 -23.70 12.41
N LYS A 244 4.21 -24.29 12.17
CA LYS A 244 4.33 -25.47 11.31
C LYS A 244 4.83 -26.71 12.04
N SER A 245 5.32 -26.53 13.26
CA SER A 245 5.85 -27.67 14.00
C SER A 245 5.90 -27.39 15.49
N ILE A 246 5.81 -28.45 16.28
CA ILE A 246 5.99 -28.27 17.70
C ILE A 246 6.90 -29.35 18.22
N GLY A 247 7.85 -28.96 19.05
CA GLY A 247 8.80 -29.91 19.60
C GLY A 247 8.88 -29.82 21.10
N ARG A 248 9.33 -30.91 21.71
CA ARG A 248 9.60 -30.94 23.14
C ARG A 248 10.88 -31.69 23.38
N TYR A 249 11.77 -31.08 24.16
CA TYR A 249 13.12 -31.59 24.33
C TYR A 249 13.45 -31.67 25.80
N LEU A 250 14.14 -32.75 26.16
CA LEU A 250 14.41 -33.10 27.53
C LEU A 250 15.89 -33.42 27.66
N THR A 251 16.48 -33.06 28.79
CA THR A 251 17.79 -33.57 29.13
C THR A 251 17.62 -34.81 29.99
N LEU A 252 18.23 -35.91 29.56
CA LEU A 252 18.20 -37.13 30.32
C LEU A 252 18.99 -36.93 31.62
N PRO A 253 18.61 -37.67 32.67
CA PRO A 253 19.31 -37.64 33.96
C PRO A 253 20.79 -37.99 33.81
N TYR A 254 21.09 -38.93 32.93
CA TYR A 254 22.46 -39.36 32.70
C TYR A 254 22.61 -39.86 31.27
N ASN A 255 23.80 -39.71 30.69
CA ASN A 255 24.04 -40.14 29.32
C ASN A 255 23.90 -41.64 29.14
N THR A 256 23.27 -42.06 28.04
CA THR A 256 23.05 -43.48 27.80
C THR A 256 22.70 -43.82 26.35
N ARG A 257 22.97 -45.06 25.97
CA ARG A 257 22.56 -45.59 24.68
C ARG A 257 21.31 -46.46 24.82
N ASP A 258 20.90 -46.74 26.06
CA ASP A 258 19.82 -47.70 26.30
C ASP A 258 18.43 -47.14 26.05
N VAL A 259 17.85 -47.51 24.92
CA VAL A 259 16.48 -47.13 24.56
C VAL A 259 15.49 -47.40 25.70
N LYS A 260 15.62 -48.54 26.37
CA LYS A 260 14.78 -48.84 27.52
C LYS A 260 14.79 -47.73 28.60
N VAL A 261 15.90 -47.02 28.70
CA VAL A 261 16.03 -45.92 29.65
C VAL A 261 15.48 -44.61 29.09
N ILE A 262 15.84 -44.30 27.85
CA ILE A 262 15.43 -43.07 27.18
C ILE A 262 13.92 -42.98 26.95
N LEU A 263 13.30 -44.13 26.72
CA LEU A 263 11.90 -44.21 26.27
C LEU A 263 10.88 -43.46 27.14
N PRO A 264 10.93 -43.65 28.48
CA PRO A 264 9.95 -42.92 29.26
C PRO A 264 10.09 -41.40 29.15
N TYR A 265 11.28 -40.92 28.83
CA TYR A 265 11.49 -39.48 28.65
C TYR A 265 10.96 -39.06 27.29
N LEU A 266 11.23 -39.91 26.29
CA LEU A 266 10.75 -39.67 24.94
C LEU A 266 9.23 -39.64 24.94
N LYS A 267 8.62 -40.57 25.69
CA LYS A 267 7.17 -40.61 25.83
C LYS A 267 6.69 -39.32 26.48
N LYS A 268 7.35 -38.92 27.56
CA LYS A 268 6.99 -37.68 28.23
C LYS A 268 7.04 -36.52 27.26
N ALA A 269 8.11 -36.45 26.48
CA ALA A 269 8.24 -35.40 25.48
C ALA A 269 7.11 -35.46 24.44
N ILE A 270 6.77 -36.66 24.00
CA ILE A 270 5.67 -36.84 23.06
C ILE A 270 4.36 -36.32 23.64
N ASN A 271 4.11 -36.65 24.90
CA ASN A 271 2.88 -36.27 25.59
C ASN A 271 2.54 -34.79 25.58
N GLU A 272 3.50 -33.93 25.95
CA GLU A 272 3.16 -32.51 26.06
C GLU A 272 3.39 -31.81 24.73
N ALA A 273 4.05 -32.50 23.81
CA ALA A 273 4.07 -32.05 22.42
C ALA A 273 2.66 -32.13 21.88
N TYR A 274 2.08 -33.32 22.02
CA TYR A 274 0.71 -33.56 21.56
C TYR A 274 -0.26 -32.72 22.37
N ASN A 275 0.04 -32.56 23.65
CA ASN A 275 -0.82 -31.75 24.50
C ASN A 275 -0.91 -30.31 24.03
N LYS A 276 0.09 -29.86 23.28
CA LYS A 276 0.13 -28.45 22.94
C LYS A 276 -0.09 -28.23 21.45
N VAL A 277 -0.03 -29.31 20.68
CA VAL A 277 -0.18 -29.19 19.23
C VAL A 277 -1.63 -28.83 18.89
N ASN A 278 -1.79 -28.07 17.82
CA ASN A 278 -3.12 -27.59 17.44
C ASN A 278 -3.54 -28.24 16.12
N GLY A 279 -3.76 -29.55 16.17
CA GLY A 279 -3.99 -30.32 14.96
C GLY A 279 -3.40 -31.71 15.09
N ILE A 280 -3.30 -32.43 13.97
CA ILE A 280 -2.70 -33.74 13.97
C ILE A 280 -1.50 -33.74 13.03
N PRO A 281 -0.37 -34.28 13.50
CA PRO A 281 0.84 -34.25 12.68
C PRO A 281 0.88 -35.42 11.69
N MET A 282 1.39 -35.17 10.50
CA MET A 282 1.59 -36.25 9.53
C MET A 282 3.01 -36.78 9.65
N ARG A 283 3.88 -36.00 10.31
CA ARG A 283 5.27 -36.43 10.50
C ARG A 283 5.77 -36.30 11.93
N ILE A 284 6.38 -37.38 12.41
CA ILE A 284 7.01 -37.35 13.72
C ILE A 284 8.54 -37.44 13.56
N THR A 285 9.29 -36.58 14.24
CA THR A 285 10.75 -36.62 14.14
C THR A 285 11.39 -36.84 15.50
N VAL A 286 12.29 -37.83 15.58
CA VAL A 286 13.06 -37.99 16.81
C VAL A 286 14.42 -37.30 16.73
N ILE A 287 14.68 -36.44 17.71
CA ILE A 287 15.93 -35.69 17.79
C ILE A 287 16.73 -36.13 19.02
N ALA A 288 17.98 -36.51 18.80
CA ALA A 288 18.87 -36.98 19.85
C ALA A 288 20.15 -36.16 19.82
N ILE A 289 20.44 -35.48 20.92
CA ILE A 289 21.69 -34.77 21.05
C ILE A 289 22.68 -35.68 21.75
N MET A 290 23.85 -35.88 21.15
CA MET A 290 24.82 -36.83 21.70
C MET A 290 25.76 -36.18 22.71
N GLU A 291 26.55 -37.02 23.40
CA GLU A 291 27.52 -36.57 24.40
C GLU A 291 28.22 -35.29 24.01
N ASP A 292 28.68 -35.25 22.76
CA ASP A 292 29.46 -34.13 22.25
C ASP A 292 28.56 -33.05 21.66
N LEU A 293 27.28 -33.13 21.99
CA LEU A 293 26.28 -32.17 21.54
C LEU A 293 26.02 -32.21 20.03
N ASP A 294 26.40 -33.32 19.41
CA ASP A 294 26.08 -33.57 18.00
C ASP A 294 24.61 -33.98 17.89
N ILE A 295 23.95 -33.54 16.83
CA ILE A 295 22.51 -33.72 16.68
C ILE A 295 22.12 -34.75 15.60
N LEU A 296 21.50 -35.84 16.04
CA LEU A 296 20.97 -36.85 15.11
C LEU A 296 19.46 -36.74 15.05
N SER A 297 18.88 -36.83 13.87
CA SER A 297 17.44 -36.85 13.79
C SER A 297 16.95 -37.88 12.81
N LYS A 298 15.88 -38.58 13.16
CA LYS A 298 15.23 -39.53 12.26
CA LYS A 298 15.23 -39.53 12.26
C LYS A 298 13.73 -39.35 12.32
N GLY A 299 13.13 -38.98 11.20
CA GLY A 299 11.71 -38.72 11.17
C GLY A 299 10.94 -39.58 10.19
N LYS A 300 9.63 -39.59 10.33
CA LYS A 300 8.77 -40.36 9.44
C LYS A 300 7.49 -39.60 9.16
N LYS A 301 7.26 -39.36 7.87
CA LYS A 301 6.03 -38.72 7.44
C LYS A 301 5.09 -39.77 6.88
N PHE A 302 3.84 -39.74 7.35
CA PHE A 302 2.80 -40.65 6.88
C PHE A 302 1.83 -39.98 5.92
N LYS A 303 1.09 -40.80 5.19
CA LYS A 303 0.10 -40.32 4.22
C LYS A 303 -1.13 -39.87 4.97
N HIS A 304 -1.14 -40.12 6.28
CA HIS A 304 -2.26 -39.79 7.13
C HIS A 304 -1.76 -39.15 8.41
N GLY A 305 -2.66 -38.83 9.33
CA GLY A 305 -2.29 -38.22 10.59
C GLY A 305 -1.83 -39.25 11.62
N ILE A 306 -1.05 -38.78 12.59
CA ILE A 306 -0.44 -39.65 13.59
C ILE A 306 -1.06 -39.42 14.95
N SER A 307 -1.73 -40.44 15.47
CA SER A 307 -2.31 -40.35 16.81
C SER A 307 -1.21 -40.54 17.86
N ILE A 308 -1.48 -40.12 19.08
CA ILE A 308 -0.43 -40.10 20.09
C ILE A 308 0.04 -41.53 20.42
N ASP A 309 -0.93 -42.43 20.55
CA ASP A 309 -0.63 -43.82 20.85
C ASP A 309 0.21 -44.45 19.75
N ASN A 310 -0.06 -44.03 18.52
CA ASN A 310 0.74 -44.42 17.37
C ASN A 310 2.13 -43.76 17.39
N ALA A 311 2.16 -42.49 17.81
CA ALA A 311 3.41 -41.73 17.91
C ALA A 311 4.39 -42.40 18.86
N TYR A 312 3.89 -42.97 19.96
CA TYR A 312 4.77 -43.70 20.88
C TYR A 312 5.56 -44.78 20.15
N LYS A 313 4.83 -45.57 19.36
CA LYS A 313 5.41 -46.70 18.63
C LYS A 313 6.36 -46.26 17.51
N VAL A 314 5.92 -45.26 16.76
CA VAL A 314 6.73 -44.74 15.66
C VAL A 314 8.04 -44.15 16.19
N ALA A 315 7.91 -43.33 17.23
CA ALA A 315 9.04 -42.64 17.83
C ALA A 315 10.00 -43.63 18.45
N GLU A 316 9.47 -44.68 19.09
CA GLU A 316 10.38 -45.69 19.63
C GLU A 316 11.19 -46.29 18.50
N ASP A 317 10.51 -46.68 17.42
CA ASP A 317 11.27 -47.21 16.28
C ASP A 317 12.34 -46.26 15.72
N LEU A 318 11.97 -45.01 15.50
CA LEU A 318 12.90 -44.01 14.99
C LEU A 318 14.12 -43.86 15.90
N LEU A 319 13.88 -43.80 17.21
CA LEU A 319 14.97 -43.75 18.19
C LEU A 319 15.87 -44.98 18.08
N ARG A 320 15.27 -46.16 17.98
CA ARG A 320 16.07 -47.38 17.86
C ARG A 320 16.93 -47.35 16.61
N GLU A 321 16.42 -46.79 15.53
CA GLU A 321 17.21 -46.69 14.30
C GLU A 321 18.32 -45.64 14.39
N LEU A 322 18.06 -44.52 15.06
CA LEU A 322 19.12 -43.52 15.26
C LEU A 322 20.33 -44.17 15.92
N LEU A 323 20.08 -45.10 16.84
CA LEU A 323 21.14 -45.75 17.60
C LEU A 323 21.65 -47.01 16.90
N VAL A 324 21.21 -47.22 15.66
CA VAL A 324 21.77 -48.26 14.82
C VAL A 324 22.79 -47.63 13.86
N ARG A 325 22.60 -46.34 13.58
CA ARG A 325 23.49 -45.63 12.66
C ARG A 325 24.56 -44.83 13.40
N ASP A 326 24.56 -44.89 14.72
CA ASP A 326 25.61 -44.22 15.49
C ASP A 326 26.44 -45.22 16.28
N LYS A 327 25.77 -46.20 16.88
CA LYS A 327 26.42 -47.37 17.48
C LYS A 327 27.42 -47.10 18.61
N ARG A 328 27.95 -45.88 18.69
CA ARG A 328 29.06 -45.61 19.60
C ARG A 328 28.75 -44.61 20.70
N ARG A 329 28.11 -43.49 20.34
CA ARG A 329 27.95 -42.38 21.27
C ARG A 329 26.70 -42.48 22.14
N ASN A 330 26.80 -41.94 23.36
CA ASN A 330 25.65 -41.87 24.25
C ASN A 330 24.79 -40.68 23.93
N VAL A 331 23.50 -40.80 24.21
CA VAL A 331 22.59 -39.67 24.09
C VAL A 331 22.60 -38.89 25.41
N ARG A 332 22.64 -37.56 25.29
CA ARG A 332 22.58 -36.67 26.43
C ARG A 332 21.20 -36.04 26.51
N ARG A 333 20.67 -35.64 25.36
CA ARG A 333 19.35 -35.01 25.32
C ARG A 333 18.43 -35.69 24.28
N ILE A 334 17.17 -35.90 24.64
CA ILE A 334 16.22 -36.53 23.74
C ILE A 334 15.09 -35.55 23.38
N GLY A 335 14.65 -35.57 22.13
CA GLY A 335 13.63 -34.63 21.71
C GLY A 335 12.69 -35.17 20.65
N VAL A 336 11.50 -34.58 20.55
CA VAL A 336 10.59 -35.00 19.51
C VAL A 336 9.90 -33.80 18.85
N LYS A 337 9.74 -33.89 17.53
CA LYS A 337 9.09 -32.85 16.75
C LYS A 337 7.90 -33.37 15.94
N LEU A 338 6.80 -32.62 16.00
CA LEU A 338 5.58 -32.89 15.26
C LEU A 338 5.46 -31.88 14.13
N ASP A 339 5.39 -32.41 12.91
CA ASP A 339 5.49 -31.62 11.68
C ASP A 339 4.33 -31.98 10.75
N ASN A 340 4.18 -31.26 9.65
CA ASN A 340 3.14 -31.50 8.65
C ASN A 340 1.75 -31.62 9.25
N ILE A 341 1.33 -30.61 9.99
CA ILE A 341 0.16 -30.69 10.84
C ILE A 341 -1.13 -30.33 10.12
N ILE A 342 -2.12 -31.19 10.27
CA ILE A 342 -3.47 -30.93 9.76
C ILE A 342 -4.31 -30.22 10.82
N ILE A 343 -4.76 -29.01 10.54
CA ILE A 343 -5.61 -28.29 11.50
C ILE A 343 -7.08 -28.67 11.35
N MET B 1 -6.31 -0.20 0.60
CA MET B 1 -7.06 1.00 0.28
C MET B 1 -8.41 0.64 -0.32
N ILE B 2 -9.45 1.28 0.19
CA ILE B 2 -10.80 1.08 -0.34
C ILE B 2 -11.34 2.40 -0.89
N VAL B 3 -11.47 2.45 -2.21
CA VAL B 3 -11.88 3.66 -2.91
C VAL B 3 -13.33 3.62 -3.37
N ILE B 4 -14.08 4.67 -3.02
CA ILE B 4 -15.43 4.86 -3.55
C ILE B 4 -15.43 6.04 -4.52
N PHE B 5 -15.57 5.74 -5.81
CA PHE B 5 -15.70 6.78 -6.85
C PHE B 5 -17.16 7.14 -7.05
N VAL B 6 -17.45 8.43 -7.12
CA VAL B 6 -18.83 8.91 -7.24
C VAL B 6 -18.98 9.78 -8.47
N ASP B 7 -20.08 9.56 -9.19
CA ASP B 7 -20.28 10.08 -10.54
C ASP B 7 -21.74 10.53 -10.71
N PHE B 8 -21.99 11.82 -10.90
CA PHE B 8 -23.36 12.35 -10.85
C PHE B 8 -24.20 12.11 -12.12
N ASP B 9 -25.09 11.12 -12.11
CA ASP B 9 -26.00 10.81 -13.24
C ASP B 9 -26.52 12.01 -14.06
N TYR B 10 -26.32 11.94 -15.38
CA TYR B 10 -26.68 13.01 -16.33
C TYR B 10 -26.78 14.39 -15.67
N PHE B 11 -25.65 14.80 -15.10
CA PHE B 11 -25.60 15.81 -14.05
C PHE B 11 -26.44 17.06 -14.26
N PHE B 12 -26.11 17.84 -15.28
CA PHE B 12 -26.76 19.13 -15.50
C PHE B 12 -28.25 18.94 -15.78
N ALA B 13 -28.54 17.97 -16.64
CA ALA B 13 -29.92 17.67 -16.98
C ALA B 13 -30.66 17.19 -15.73
N GLN B 14 -29.99 16.40 -14.90
CA GLN B 14 -30.66 15.87 -13.73
C GLN B 14 -30.96 16.98 -12.72
N VAL B 15 -30.08 17.96 -12.65
CA VAL B 15 -30.29 19.12 -11.80
C VAL B 15 -31.49 19.93 -12.29
N GLU B 16 -31.50 20.20 -13.59
CA GLU B 16 -32.65 20.86 -14.21
C GLU B 16 -33.95 20.11 -13.92
N GLU B 17 -33.88 18.79 -13.87
CA GLU B 17 -35.04 17.98 -13.52
C GLU B 17 -35.43 18.15 -12.06
N VAL B 18 -34.43 18.29 -11.20
CA VAL B 18 -34.69 18.49 -9.79
C VAL B 18 -35.36 19.84 -9.58
N LEU B 19 -34.92 20.84 -10.36
CA LEU B 19 -35.50 22.17 -10.25
C LEU B 19 -36.83 22.26 -10.98
N ASN B 20 -36.95 21.54 -12.09
CA ASN B 20 -38.17 21.56 -12.90
C ASN B 20 -38.70 20.14 -13.07
N PRO B 21 -39.43 19.65 -12.04
CA PRO B 21 -39.89 18.26 -11.99
C PRO B 21 -40.74 17.82 -13.19
N GLN B 22 -41.36 18.78 -13.88
CA GLN B 22 -42.12 18.47 -15.09
C GLN B 22 -41.24 17.86 -16.18
N TYR B 23 -39.97 18.30 -16.24
CA TYR B 23 -39.05 17.81 -17.27
C TYR B 23 -38.72 16.32 -17.13
N LYS B 24 -39.02 15.75 -15.96
CA LYS B 24 -38.63 14.38 -15.67
C LYS B 24 -39.44 13.34 -16.48
N GLY B 25 -38.75 12.30 -16.96
CA GLY B 25 -39.41 11.22 -17.66
C GLY B 25 -39.66 11.46 -19.15
N LYS B 26 -38.99 12.45 -19.69
CA LYS B 26 -39.13 12.82 -21.09
C LYS B 26 -37.87 13.55 -21.53
N PRO B 27 -37.52 13.47 -22.82
CA PRO B 27 -36.25 13.98 -23.34
C PRO B 27 -35.98 15.43 -22.95
N LEU B 28 -34.84 15.66 -22.29
CA LEU B 28 -34.43 16.99 -21.89
C LEU B 28 -33.02 17.21 -22.34
N VAL B 29 -32.76 18.38 -22.93
CA VAL B 29 -31.42 18.66 -23.42
C VAL B 29 -30.87 19.98 -22.88
N VAL B 30 -29.80 19.90 -22.11
CA VAL B 30 -29.10 21.08 -21.60
C VAL B 30 -28.11 21.58 -22.64
N CYS B 31 -28.37 22.76 -23.17
CA CYS B 31 -27.63 23.28 -24.30
C CYS B 31 -26.77 24.47 -23.93
N VAL B 32 -25.66 24.64 -24.65
CA VAL B 32 -24.85 25.84 -24.49
C VAL B 32 -25.00 26.71 -25.73
N TYR B 33 -25.85 27.72 -25.64
CA TYR B 33 -26.12 28.59 -26.78
C TYR B 33 -25.06 29.67 -26.90
N SER B 34 -24.53 29.86 -28.10
CA SER B 34 -23.50 30.86 -28.33
C SER B 34 -24.07 32.28 -28.30
N GLY B 35 -25.33 32.41 -28.69
CA GLY B 35 -25.93 33.72 -28.84
C GLY B 35 -25.70 34.31 -30.22
N ARG B 36 -25.14 33.51 -31.13
CA ARG B 36 -25.02 33.91 -32.52
C ARG B 36 -26.39 33.85 -33.19
N THR B 37 -27.02 32.69 -33.14
CA THR B 37 -28.38 32.51 -33.63
C THR B 37 -29.22 31.91 -32.53
N LYS B 38 -30.48 31.62 -32.83
CA LYS B 38 -31.38 31.00 -31.88
C LYS B 38 -30.94 29.56 -31.60
N THR B 39 -30.03 29.07 -32.44
CA THR B 39 -29.72 27.65 -32.51
C THR B 39 -28.24 27.35 -32.24
N SER B 40 -27.37 28.32 -32.52
CA SER B 40 -25.92 28.12 -32.43
C SER B 40 -25.46 27.70 -31.04
N GLY B 41 -24.82 26.54 -30.96
CA GLY B 41 -24.26 26.06 -29.71
C GLY B 41 -24.05 24.57 -29.65
N ALA B 42 -23.80 24.05 -28.46
CA ALA B 42 -23.62 22.61 -28.31
C ALA B 42 -24.30 22.05 -27.07
N VAL B 43 -24.52 20.74 -27.09
CA VAL B 43 -25.16 20.06 -25.97
C VAL B 43 -24.15 19.78 -24.88
N ALA B 44 -24.50 20.10 -23.65
CA ALA B 44 -23.63 19.75 -22.53
C ALA B 44 -23.97 18.33 -22.13
N THR B 45 -25.24 18.11 -21.83
CA THR B 45 -25.74 16.79 -21.48
C THR B 45 -27.23 16.72 -21.74
N ALA B 46 -27.74 15.50 -21.91
CA ALA B 46 -29.17 15.26 -22.03
C ALA B 46 -29.53 14.07 -21.17
N ASN B 47 -30.76 14.02 -20.68
CA ASN B 47 -31.19 12.85 -19.93
C ASN B 47 -31.24 11.62 -20.82
N TYR B 48 -31.36 10.45 -20.20
CA TYR B 48 -31.40 9.20 -20.97
C TYR B 48 -32.59 9.09 -21.91
N GLU B 49 -33.70 9.74 -21.55
CA GLU B 49 -34.86 9.83 -22.44
C GLU B 49 -34.47 10.49 -23.75
N ALA B 50 -33.64 11.53 -23.67
CA ALA B 50 -33.18 12.21 -24.87
C ALA B 50 -32.04 11.46 -25.55
N ARG B 51 -31.31 10.66 -24.77
CA ARG B 51 -30.20 9.88 -25.32
C ARG B 51 -30.70 8.70 -26.15
N LYS B 52 -31.85 8.16 -25.77
CA LYS B 52 -32.49 7.10 -26.54
C LYS B 52 -32.65 7.53 -27.99
N LEU B 53 -33.08 8.78 -28.19
CA LEU B 53 -33.33 9.33 -29.51
C LEU B 53 -32.04 9.77 -30.22
N GLY B 54 -30.90 9.55 -29.60
CA GLY B 54 -29.62 9.87 -30.24
C GLY B 54 -28.98 11.19 -29.89
N VAL B 55 -29.58 11.96 -28.98
CA VAL B 55 -28.95 13.20 -28.53
C VAL B 55 -27.63 12.87 -27.82
N LYS B 56 -26.58 13.65 -28.12
CA LYS B 56 -25.25 13.39 -27.55
C LYS B 56 -24.54 14.65 -27.05
N ALA B 57 -23.83 14.53 -25.95
CA ALA B 57 -23.00 15.61 -25.46
C ALA B 57 -21.99 16.03 -26.53
N GLY B 58 -21.78 17.34 -26.66
CA GLY B 58 -20.77 17.85 -27.56
C GLY B 58 -21.27 18.09 -28.97
N MET B 59 -22.44 17.53 -29.29
CA MET B 59 -22.94 17.69 -30.63
C MET B 59 -23.67 19.01 -30.80
N PRO B 60 -23.63 19.57 -32.02
CA PRO B 60 -24.30 20.83 -32.28
C PRO B 60 -25.80 20.73 -32.01
N ILE B 61 -26.35 21.78 -31.40
CA ILE B 61 -27.74 21.84 -31.02
C ILE B 61 -28.68 21.59 -32.20
N ILE B 62 -28.46 22.30 -33.30
CA ILE B 62 -29.27 22.14 -34.50
C ILE B 62 -29.34 20.69 -34.96
N LYS B 63 -28.30 19.91 -34.64
CA LYS B 63 -28.27 18.51 -35.04
C LYS B 63 -29.10 17.67 -34.08
N ALA B 64 -29.10 18.07 -32.81
CA ALA B 64 -29.90 17.39 -31.80
C ALA B 64 -31.38 17.65 -32.02
N MET B 65 -31.71 18.84 -32.49
CA MET B 65 -33.09 19.21 -32.73
C MET B 65 -33.68 18.59 -33.99
N GLN B 66 -32.88 17.86 -34.74
CA GLN B 66 -33.39 17.20 -35.93
C GLN B 66 -33.73 15.73 -35.68
N ILE B 67 -33.04 15.11 -34.73
CA ILE B 67 -33.37 13.74 -34.35
C ILE B 67 -34.24 13.70 -33.11
N ALA B 68 -34.45 14.86 -32.49
CA ALA B 68 -35.28 14.94 -31.29
C ALA B 68 -35.91 16.30 -31.04
N PRO B 69 -36.75 16.79 -31.98
CA PRO B 69 -37.33 18.12 -31.79
C PRO B 69 -38.46 18.18 -30.78
N SER B 70 -38.85 17.03 -30.23
CA SER B 70 -39.87 17.01 -29.20
C SER B 70 -39.22 17.22 -27.83
N ALA B 71 -37.91 17.00 -27.76
CA ALA B 71 -37.17 17.17 -26.52
C ALA B 71 -37.30 18.60 -26.01
N ILE B 72 -37.19 18.76 -24.70
CA ILE B 72 -37.09 20.10 -24.10
C ILE B 72 -35.64 20.54 -24.12
N TYR B 73 -35.41 21.75 -24.61
CA TYR B 73 -34.06 22.33 -24.65
C TYR B 73 -33.93 23.52 -23.72
N VAL B 74 -33.09 23.37 -22.70
CA VAL B 74 -32.87 24.43 -21.72
C VAL B 74 -31.41 24.91 -21.73
N PRO B 75 -31.19 26.20 -21.49
CA PRO B 75 -29.82 26.70 -21.46
C PRO B 75 -29.10 26.30 -20.18
N MET B 76 -27.81 26.01 -20.33
CA MET B 76 -26.94 25.62 -19.22
C MET B 76 -26.94 26.68 -18.13
N ARG B 77 -27.26 26.25 -16.91
CA ARG B 77 -27.19 27.15 -15.76
C ARG B 77 -26.08 26.67 -14.84
N LYS B 78 -24.83 26.87 -15.26
CA LYS B 78 -23.67 26.28 -14.59
C LYS B 78 -23.44 26.64 -13.12
N PRO B 79 -23.58 27.93 -12.75
CA PRO B 79 -23.48 28.29 -11.32
C PRO B 79 -24.33 27.41 -10.40
N ILE B 80 -25.56 27.09 -10.85
CA ILE B 80 -26.48 26.26 -10.08
C ILE B 80 -25.94 24.83 -9.91
N TYR B 81 -25.42 24.28 -11.00
CA TYR B 81 -24.82 22.96 -10.98
C TYR B 81 -23.62 22.95 -10.03
N GLU B 82 -22.94 24.10 -9.98
CA GLU B 82 -21.77 24.25 -9.12
C GLU B 82 -22.17 24.24 -7.65
N ALA B 83 -23.27 24.92 -7.32
CA ALA B 83 -23.81 24.91 -5.95
C ALA B 83 -24.27 23.51 -5.51
N PHE B 84 -25.08 22.86 -6.35
CA PHE B 84 -25.47 21.45 -6.14
C PHE B 84 -24.25 20.56 -5.88
N SER B 85 -23.27 20.64 -6.78
CA SER B 85 -22.04 19.87 -6.69
C SER B 85 -21.27 20.15 -5.41
N ASN B 86 -21.12 21.42 -5.08
CA ASN B 86 -20.43 21.79 -3.86
C ASN B 86 -21.09 21.15 -2.64
N ARG B 87 -22.41 21.29 -2.56
CA ARG B 87 -23.17 20.70 -1.44
C ARG B 87 -22.91 19.19 -1.34
N ILE B 88 -23.02 18.50 -2.47
CA ILE B 88 -22.77 17.06 -2.46
C ILE B 88 -21.32 16.68 -2.15
N MET B 89 -20.35 17.47 -2.62
CA MET B 89 -18.94 17.23 -2.31
C MET B 89 -18.68 17.37 -0.82
N ASN B 90 -19.44 18.25 -0.17
CA ASN B 90 -19.39 18.33 1.30
C ASN B 90 -19.99 17.09 1.98
N LEU B 91 -21.15 16.64 1.47
CA LEU B 91 -21.73 15.38 1.94
C LEU B 91 -20.71 14.22 1.84
N LEU B 92 -20.12 14.07 0.66
CA LEU B 92 -19.10 13.04 0.41
C LEU B 92 -17.91 13.19 1.33
N ASN B 93 -17.47 14.45 1.50
CA ASN B 93 -16.37 14.78 2.38
C ASN B 93 -16.58 14.20 3.78
N LYS B 94 -17.76 14.42 4.33
CA LYS B 94 -18.08 13.90 5.67
C LYS B 94 -17.84 12.39 5.87
N HIS B 95 -17.93 11.62 4.78
CA HIS B 95 -17.85 10.16 4.87
C HIS B 95 -16.48 9.57 4.55
N ALA B 96 -15.50 10.42 4.23
CA ALA B 96 -14.22 9.92 3.74
C ALA B 96 -13.01 10.37 4.56
N ASP B 97 -11.98 9.52 4.56
CA ASP B 97 -10.68 9.90 5.11
C ASP B 97 -10.09 10.99 4.23
N LYS B 98 -10.05 10.70 2.94
CA LYS B 98 -9.49 11.61 1.94
C LYS B 98 -10.45 11.74 0.77
N ILE B 99 -10.60 12.96 0.28
CA ILE B 99 -11.48 13.24 -0.84
C ILE B 99 -10.77 13.96 -1.99
N GLU B 100 -10.81 13.35 -3.17
CA GLU B 100 -10.22 13.93 -4.36
C GLU B 100 -11.32 14.38 -5.31
N VAL B 101 -11.72 15.64 -5.21
CA VAL B 101 -12.72 16.19 -6.09
C VAL B 101 -12.13 16.37 -7.49
N ALA B 102 -12.37 15.38 -8.35
CA ALA B 102 -11.84 15.33 -9.70
C ALA B 102 -12.37 16.47 -10.58
N SER B 103 -13.69 16.65 -10.54
CA SER B 103 -14.33 17.73 -11.27
C SER B 103 -15.64 18.11 -10.59
N ILE B 104 -16.43 18.95 -11.25
CA ILE B 104 -17.72 19.36 -10.72
C ILE B 104 -18.69 18.17 -10.58
N ASP B 105 -18.40 17.09 -11.30
CA ASP B 105 -19.36 16.01 -11.44
C ASP B 105 -18.94 14.70 -10.75
N GLU B 106 -17.66 14.58 -10.43
CA GLU B 106 -17.18 13.33 -9.85
C GLU B 106 -16.11 13.52 -8.78
N ALA B 107 -16.03 12.54 -7.88
CA ALA B 107 -15.09 12.62 -6.77
C ALA B 107 -14.60 11.24 -6.32
N TYR B 108 -13.44 11.23 -5.67
CA TYR B 108 -12.86 10.00 -5.13
C TYR B 108 -12.87 10.04 -3.61
N LEU B 109 -13.24 8.92 -2.99
CA LEU B 109 -13.30 8.85 -1.54
C LEU B 109 -12.43 7.71 -1.04
N ASP B 110 -11.53 8.02 -0.11
CA ASP B 110 -10.79 6.97 0.57
C ASP B 110 -11.49 6.67 1.89
N VAL B 111 -12.05 5.47 1.99
CA VAL B 111 -12.85 5.10 3.15
C VAL B 111 -12.21 3.95 3.92
N THR B 112 -10.96 3.66 3.57
CA THR B 112 -10.19 2.57 4.18
C THR B 112 -10.36 2.49 5.70
N ASN B 113 -9.98 3.56 6.39
CA ASN B 113 -9.94 3.58 7.84
C ASN B 113 -11.30 3.63 8.53
N LYS B 114 -12.24 4.41 8.00
CA LYS B 114 -13.58 4.47 8.59
C LYS B 114 -14.50 3.39 8.03
N VAL B 115 -13.89 2.26 7.70
CA VAL B 115 -14.59 1.06 7.27
C VAL B 115 -13.73 -0.10 7.78
N GLU B 116 -12.51 0.26 8.18
CA GLU B 116 -11.58 -0.60 8.90
C GLU B 116 -11.00 -1.71 8.01
N GLY B 117 -10.83 -1.40 6.74
CA GLY B 117 -10.25 -2.33 5.79
C GLY B 117 -11.22 -3.38 5.32
N ASN B 118 -12.45 -3.32 5.81
CA ASN B 118 -13.48 -4.29 5.45
C ASN B 118 -14.16 -3.88 4.14
N PHE B 119 -13.81 -4.54 3.04
CA PHE B 119 -14.30 -4.10 1.74
C PHE B 119 -15.82 -4.09 1.59
N GLU B 120 -16.45 -5.17 2.09
CA GLU B 120 -17.91 -5.28 2.05
C GLU B 120 -18.55 -4.09 2.74
N ASN B 121 -17.97 -3.70 3.87
CA ASN B 121 -18.38 -2.47 4.55
C ASN B 121 -18.25 -1.23 3.68
N GLY B 122 -17.25 -1.23 2.79
CA GLY B 122 -17.06 -0.13 1.85
C GLY B 122 -18.17 -0.08 0.80
N ILE B 123 -18.62 -1.26 0.40
CA ILE B 123 -19.80 -1.36 -0.45
C ILE B 123 -21.05 -0.83 0.26
N GLU B 124 -21.27 -1.28 1.48
CA GLU B 124 -22.42 -0.83 2.28
C GLU B 124 -22.42 0.69 2.47
N LEU B 125 -21.25 1.24 2.79
CA LEU B 125 -21.10 2.67 2.96
C LEU B 125 -21.39 3.39 1.65
N ALA B 126 -20.96 2.80 0.54
CA ALA B 126 -21.29 3.36 -0.77
C ALA B 126 -22.81 3.47 -0.93
N ARG B 127 -23.52 2.39 -0.59
CA ARG B 127 -24.99 2.42 -0.66
C ARG B 127 -25.55 3.55 0.19
N LYS B 128 -25.12 3.60 1.45
CA LYS B 128 -25.54 4.65 2.38
C LYS B 128 -25.36 6.03 1.76
N ILE B 129 -24.20 6.26 1.16
CA ILE B 129 -23.90 7.55 0.54
C ILE B 129 -24.84 7.85 -0.63
N LYS B 130 -25.10 6.86 -1.47
CA LYS B 130 -26.05 7.03 -2.58
C LYS B 130 -27.42 7.46 -2.05
N GLN B 131 -27.89 6.74 -1.03
CA GLN B 131 -29.19 7.03 -0.42
C GLN B 131 -29.20 8.41 0.21
N GLU B 132 -28.05 8.83 0.73
CA GLU B 132 -27.93 10.12 1.38
C GLU B 132 -28.06 11.26 0.37
N ILE B 133 -27.34 11.11 -0.73
CA ILE B 133 -27.41 12.11 -1.80
C ILE B 133 -28.82 12.17 -2.38
N LEU B 134 -29.46 11.00 -2.48
CA LEU B 134 -30.83 10.94 -2.99
C LEU B 134 -31.85 11.59 -2.05
N GLU B 135 -31.70 11.38 -0.74
CA GLU B 135 -32.62 11.97 0.22
C GLU B 135 -32.42 13.48 0.37
N LYS B 136 -31.16 13.90 0.36
CA LYS B 136 -30.86 15.31 0.62
C LYS B 136 -30.92 16.22 -0.61
N GLU B 137 -30.35 15.78 -1.73
CA GLU B 137 -30.36 16.61 -2.94
C GLU B 137 -31.32 16.13 -4.02
N LYS B 138 -31.98 14.99 -3.79
CA LYS B 138 -32.86 14.37 -4.77
C LYS B 138 -32.07 14.07 -6.05
N ILE B 139 -30.85 13.61 -5.86
CA ILE B 139 -29.91 13.37 -6.95
C ILE B 139 -29.48 11.90 -6.99
N THR B 140 -29.59 11.27 -8.16
CA THR B 140 -29.04 9.93 -8.34
C THR B 140 -27.59 9.98 -8.81
N VAL B 141 -26.81 9.01 -8.36
CA VAL B 141 -25.42 8.92 -8.71
C VAL B 141 -25.06 7.48 -9.08
N THR B 142 -23.96 7.33 -9.81
CA THR B 142 -23.35 6.03 -10.03
C THR B 142 -22.07 5.95 -9.21
N VAL B 143 -21.91 4.85 -8.48
CA VAL B 143 -20.76 4.67 -7.59
C VAL B 143 -19.96 3.45 -8.00
N GLY B 144 -18.64 3.55 -7.95
CA GLY B 144 -17.77 2.40 -8.18
C GLY B 144 -16.84 2.14 -7.01
N VAL B 145 -16.90 0.93 -6.46
CA VAL B 145 -16.06 0.56 -5.31
C VAL B 145 -14.99 -0.45 -5.74
N ALA B 146 -13.72 -0.10 -5.54
CA ALA B 146 -12.60 -0.91 -6.01
C ALA B 146 -11.33 -0.61 -5.18
N PRO B 147 -10.31 -1.48 -5.27
CA PRO B 147 -9.03 -1.28 -4.57
C PRO B 147 -8.27 0.00 -4.94
N ASN B 148 -8.43 0.50 -6.16
CA ASN B 148 -7.77 1.74 -6.57
C ASN B 148 -8.72 2.70 -7.28
N LYS B 149 -8.23 3.92 -7.54
CA LYS B 149 -9.04 4.94 -8.21
C LYS B 149 -9.54 4.53 -9.59
N ILE B 150 -8.62 4.13 -10.46
CA ILE B 150 -8.93 3.88 -11.87
C ILE B 150 -9.87 2.68 -12.11
N LEU B 151 -9.72 1.63 -11.32
CA LEU B 151 -10.67 0.51 -11.36
C LEU B 151 -12.06 0.96 -10.92
N ALA B 152 -12.11 1.76 -9.85
CA ALA B 152 -13.34 2.32 -9.32
C ALA B 152 -14.10 3.11 -10.40
N LYS B 153 -13.37 3.99 -11.08
CA LYS B 153 -13.97 4.76 -12.17
C LYS B 153 -14.39 3.87 -13.35
N ILE B 154 -13.57 2.88 -13.69
CA ILE B 154 -13.90 1.98 -14.80
C ILE B 154 -15.22 1.22 -14.55
N ILE B 155 -15.37 0.69 -13.35
CA ILE B 155 -16.58 -0.06 -13.00
C ILE B 155 -17.81 0.86 -12.88
N ALA B 156 -17.60 2.06 -12.32
CA ALA B 156 -18.67 3.06 -12.30
C ALA B 156 -19.14 3.36 -13.73
N ASP B 157 -18.19 3.59 -14.64
CA ASP B 157 -18.46 3.76 -16.07
C ASP B 157 -19.31 2.61 -16.62
N LYS B 158 -18.93 1.38 -16.29
CA LYS B 158 -19.64 0.21 -16.81
C LYS B 158 -21.04 0.02 -16.22
N SER B 159 -21.32 0.72 -15.12
CA SER B 159 -22.64 0.59 -14.48
C SER B 159 -23.54 1.83 -14.44
N LYS B 160 -23.28 2.82 -15.29
CA LYS B 160 -24.18 3.96 -15.39
C LYS B 160 -25.48 3.60 -16.12
N PRO B 161 -26.57 4.31 -15.79
CA PRO B 161 -26.69 5.31 -14.71
C PRO B 161 -27.21 4.69 -13.41
N ASN B 162 -27.20 5.47 -12.33
CA ASN B 162 -27.70 5.01 -11.03
C ASN B 162 -27.07 3.68 -10.59
N GLY B 163 -25.82 3.47 -10.96
CA GLY B 163 -25.18 2.19 -10.70
C GLY B 163 -24.44 2.10 -9.38
N LEU B 164 -24.02 0.87 -9.08
CA LEU B 164 -23.15 0.57 -7.96
C LEU B 164 -22.29 -0.63 -8.38
N GLY B 165 -21.17 -0.30 -9.02
CA GLY B 165 -20.27 -1.30 -9.54
C GLY B 165 -19.25 -1.67 -8.49
N VAL B 166 -18.83 -2.93 -8.48
CA VAL B 166 -17.91 -3.42 -7.46
C VAL B 166 -16.84 -4.30 -8.07
N ILE B 167 -15.58 -4.00 -7.78
CA ILE B 167 -14.49 -4.89 -8.13
C ILE B 167 -13.81 -5.25 -6.84
N ARG B 168 -14.14 -6.43 -6.32
CA ARG B 168 -13.56 -6.90 -5.08
C ARG B 168 -12.09 -7.18 -5.30
N PRO B 169 -11.26 -6.99 -4.26
CA PRO B 169 -9.82 -7.25 -4.34
C PRO B 169 -9.51 -8.66 -4.85
N THR B 170 -10.41 -9.59 -4.57
CA THR B 170 -10.26 -10.97 -5.03
C THR B 170 -10.56 -11.10 -6.52
N GLU B 171 -11.26 -10.12 -7.08
CA GLU B 171 -11.68 -10.16 -8.46
C GLU B 171 -10.83 -9.28 -9.38
N VAL B 172 -9.77 -8.68 -8.83
CA VAL B 172 -8.95 -7.76 -9.60
C VAL B 172 -8.14 -8.45 -10.70
N GLN B 173 -7.45 -9.54 -10.35
CA GLN B 173 -6.60 -10.27 -11.29
C GLN B 173 -7.30 -10.62 -12.60
N ASP B 174 -8.53 -11.12 -12.51
CA ASP B 174 -9.27 -11.46 -13.71
C ASP B 174 -9.83 -10.23 -14.42
N PHE B 175 -10.13 -9.18 -13.66
CA PHE B 175 -10.65 -7.96 -14.26
C PHE B 175 -9.63 -7.37 -15.22
N LEU B 176 -8.43 -7.11 -14.71
CA LEU B 176 -7.31 -6.64 -15.52
C LEU B 176 -6.89 -7.68 -16.57
N ASN B 177 -7.53 -8.83 -16.57
CA ASN B 177 -7.27 -9.85 -17.57
C ASN B 177 -8.17 -9.71 -18.79
N GLU B 178 -9.34 -9.13 -18.59
CA GLU B 178 -10.31 -8.98 -19.67
C GLU B 178 -10.41 -7.53 -20.14
N LEU B 179 -9.70 -6.65 -19.46
CA LEU B 179 -9.78 -5.22 -19.69
C LEU B 179 -9.27 -4.77 -21.06
N ASP B 180 -10.14 -4.17 -21.85
CA ASP B 180 -9.76 -3.63 -23.16
C ASP B 180 -9.03 -2.29 -22.97
N ILE B 181 -8.06 -2.03 -23.84
CA ILE B 181 -7.26 -0.81 -23.76
C ILE B 181 -8.11 0.45 -23.89
N ASP B 182 -9.09 0.41 -24.78
CA ASP B 182 -9.95 1.56 -25.04
C ASP B 182 -10.83 1.90 -23.84
N GLU B 183 -10.86 0.99 -22.86
CA GLU B 183 -11.67 1.18 -21.65
C GLU B 183 -10.88 1.88 -20.53
N ILE B 184 -9.58 2.06 -20.75
CA ILE B 184 -8.71 2.69 -19.76
C ILE B 184 -8.80 4.21 -19.79
N PRO B 185 -9.16 4.83 -18.64
CA PRO B 185 -9.22 6.30 -18.52
C PRO B 185 -7.88 6.95 -18.88
N GLY B 186 -7.85 7.60 -20.04
CA GLY B 186 -6.63 8.21 -20.55
C GLY B 186 -6.36 7.77 -21.97
N ILE B 187 -7.10 6.78 -22.44
CA ILE B 187 -6.88 6.21 -23.76
C ILE B 187 -7.75 6.83 -24.84
N GLY B 188 -7.13 7.67 -25.67
CA GLY B 188 -7.80 8.23 -26.83
C GLY B 188 -8.15 7.16 -27.84
N SER B 189 -9.14 7.43 -28.68
CA SER B 189 -9.58 6.45 -29.68
C SER B 189 -8.53 6.23 -30.77
N VAL B 190 -7.74 7.26 -31.07
CA VAL B 190 -6.66 7.15 -32.05
C VAL B 190 -5.62 6.17 -31.53
N LEU B 191 -5.24 6.36 -30.28
CA LEU B 191 -4.30 5.48 -29.61
C LEU B 191 -4.89 4.09 -29.46
N ALA B 192 -6.20 4.02 -29.19
CA ALA B 192 -6.90 2.75 -29.09
C ALA B 192 -6.86 2.01 -30.42
N ARG B 193 -6.79 2.76 -31.52
CA ARG B 193 -6.66 2.19 -32.85
C ARG B 193 -5.24 1.67 -33.10
N ARG B 194 -4.28 2.59 -33.07
CA ARG B 194 -2.92 2.25 -33.48
C ARG B 194 -2.23 1.30 -32.49
N LEU B 195 -2.81 1.15 -31.30
CA LEU B 195 -2.35 0.11 -30.38
C LEU B 195 -2.89 -1.26 -30.82
N ASN B 196 -4.13 -1.28 -31.29
CA ASN B 196 -4.68 -2.49 -31.89
C ASN B 196 -3.83 -2.89 -33.09
N GLU B 197 -3.33 -1.89 -33.81
CA GLU B 197 -2.47 -2.13 -34.97
C GLU B 197 -1.14 -2.77 -34.61
N LEU B 198 -1.03 -3.27 -33.39
CA LEU B 198 0.14 -4.01 -32.94
C LEU B 198 -0.25 -5.18 -32.04
N GLY B 199 -1.48 -5.64 -32.19
CA GLY B 199 -1.95 -6.81 -31.46
C GLY B 199 -2.33 -6.53 -30.02
N ILE B 200 -2.34 -5.26 -29.64
CA ILE B 200 -2.76 -4.88 -28.30
C ILE B 200 -4.26 -4.60 -28.26
N GLN B 201 -5.04 -5.64 -28.00
CA GLN B 201 -6.48 -5.50 -27.84
C GLN B 201 -6.80 -5.22 -26.38
N LYS B 202 -6.11 -5.93 -25.50
CA LYS B 202 -6.42 -5.87 -24.07
C LYS B 202 -5.21 -5.55 -23.22
N LEU B 203 -5.44 -5.37 -21.92
CA LEU B 203 -4.43 -4.84 -21.00
C LEU B 203 -3.28 -5.82 -20.70
N ARG B 204 -3.56 -7.11 -20.71
CA ARG B 204 -2.51 -8.11 -20.52
C ARG B 204 -1.61 -8.15 -21.75
N ASP B 205 -2.21 -7.89 -22.90
CA ASP B 205 -1.51 -7.98 -24.17
C ASP B 205 -0.41 -6.93 -24.31
N ILE B 206 -0.34 -5.99 -23.38
CA ILE B 206 0.72 -5.00 -23.39
C ILE B 206 1.93 -5.51 -22.61
N LEU B 207 1.70 -6.54 -21.79
CA LEU B 207 2.75 -7.04 -20.91
C LEU B 207 3.83 -7.83 -21.63
N SER B 208 3.66 -8.03 -22.94
CA SER B 208 4.62 -8.78 -23.72
C SER B 208 5.30 -7.93 -24.80
N LYS B 209 4.71 -6.78 -25.11
CA LYS B 209 5.24 -5.91 -26.15
C LYS B 209 6.52 -5.22 -25.69
N ASN B 210 7.43 -4.95 -26.62
CA ASN B 210 8.70 -4.31 -26.29
C ASN B 210 8.55 -2.88 -25.79
N TYR B 211 9.19 -2.60 -24.66
CA TYR B 211 9.10 -1.30 -24.01
C TYR B 211 9.51 -0.15 -24.89
N ASN B 212 10.80 -0.01 -25.11
CA ASN B 212 11.34 1.09 -25.90
C ASN B 212 10.80 1.14 -27.34
N GLU B 213 9.85 0.26 -27.64
CA GLU B 213 9.22 0.23 -28.95
C GLU B 213 7.77 0.69 -28.82
N LEU B 214 7.08 0.16 -27.81
CA LEU B 214 5.70 0.55 -27.51
C LEU B 214 5.66 2.00 -27.00
N GLU B 215 6.78 2.46 -26.47
CA GLU B 215 6.93 3.80 -25.92
C GLU B 215 6.74 4.81 -27.05
N LYS B 216 7.15 4.41 -28.24
CA LYS B 216 7.04 5.24 -29.44
C LYS B 216 5.60 5.23 -29.97
N ILE B 217 4.63 5.17 -29.05
CA ILE B 217 3.21 5.15 -29.40
C ILE B 217 2.39 5.93 -28.38
N THR B 218 2.79 5.84 -27.12
CA THR B 218 2.03 6.43 -26.03
C THR B 218 2.79 7.53 -25.30
N GLY B 219 4.08 7.68 -25.61
CA GLY B 219 4.93 8.58 -24.86
C GLY B 219 5.39 7.87 -23.61
N LYS B 220 6.46 8.35 -23.00
CA LYS B 220 7.04 7.73 -21.82
C LYS B 220 6.00 7.42 -20.73
N ALA B 221 5.35 8.48 -20.25
CA ALA B 221 4.46 8.41 -19.09
C ALA B 221 3.24 7.50 -19.27
N LYS B 222 2.76 7.37 -20.51
CA LYS B 222 1.54 6.60 -20.76
C LYS B 222 1.78 5.10 -20.85
N ALA B 223 2.86 4.70 -21.52
CA ALA B 223 3.22 3.28 -21.47
C ALA B 223 3.65 2.95 -20.06
N LEU B 224 4.19 3.93 -19.36
CA LEU B 224 4.56 3.75 -17.96
C LEU B 224 3.33 3.44 -17.12
N TYR B 225 2.30 4.27 -17.26
CA TYR B 225 1.01 4.10 -16.60
C TYR B 225 0.34 2.75 -16.93
N LEU B 226 0.17 2.51 -18.23
CA LEU B 226 -0.39 1.26 -18.74
C LEU B 226 0.32 0.04 -18.18
N LEU B 227 1.64 0.06 -18.21
CA LEU B 227 2.41 -1.05 -17.67
C LEU B 227 2.16 -1.17 -16.17
N LYS B 228 2.19 -0.05 -15.46
CA LYS B 228 2.02 -0.06 -14.01
C LYS B 228 0.74 -0.78 -13.61
N LEU B 229 -0.37 -0.43 -14.26
CA LEU B 229 -1.62 -1.10 -13.92
C LEU B 229 -1.80 -2.48 -14.56
N ALA B 230 -1.00 -2.78 -15.59
CA ALA B 230 -1.05 -4.08 -16.24
C ALA B 230 -0.83 -5.23 -15.25
N GLN B 231 -0.07 -4.98 -14.20
CA GLN B 231 0.13 -5.96 -13.13
C GLN B 231 -0.20 -5.40 -11.76
N ASP B 232 -1.19 -4.51 -11.72
CA ASP B 232 -1.70 -3.90 -10.48
C ASP B 232 -0.63 -3.26 -9.60
N GLU B 233 0.23 -2.45 -10.21
CA GLU B 233 1.19 -1.64 -9.44
C GLU B 233 0.69 -0.20 -9.42
N TYR B 234 -0.59 -0.03 -9.73
CA TYR B 234 -1.23 1.27 -9.64
C TYR B 234 -1.97 1.37 -8.30
N ASN B 235 -1.48 2.26 -7.44
CA ASN B 235 -2.15 2.55 -6.18
C ASN B 235 -1.95 4.01 -5.84
N GLU B 236 -2.22 4.88 -6.81
CA GLU B 236 -2.03 6.32 -6.65
C GLU B 236 -2.91 6.86 -5.53
N PRO B 237 -2.34 7.73 -4.68
CA PRO B 237 -3.05 8.23 -3.51
C PRO B 237 -4.21 9.16 -3.88
N ILE B 238 -5.30 9.03 -3.14
CA ILE B 238 -6.41 9.95 -3.26
C ILE B 238 -6.02 11.27 -2.59
N ARG B 239 -5.68 12.26 -3.39
CA ARG B 239 -5.17 13.53 -2.87
C ARG B 239 -5.99 14.76 -3.30
N THR B 240 -5.93 15.81 -2.47
CA THR B 240 -6.68 17.03 -2.69
C THR B 240 -6.29 17.73 -3.99
N ARG B 241 -7.27 17.94 -4.86
CA ARG B 241 -7.04 18.63 -6.13
C ARG B 241 -7.02 20.13 -5.95
N VAL B 242 -6.11 20.79 -6.66
CA VAL B 242 -6.08 22.24 -6.63
C VAL B 242 -6.23 22.79 -8.04
N ARG B 243 -7.03 23.85 -8.17
CA ARG B 243 -7.15 24.57 -9.43
C ARG B 243 -5.76 24.97 -9.90
N LYS B 244 -5.47 24.76 -11.18
CA LYS B 244 -4.20 25.20 -11.70
C LYS B 244 -4.38 26.43 -12.55
N SER B 245 -5.60 26.64 -13.02
CA SER B 245 -5.87 27.75 -13.90
C SER B 245 -7.33 28.08 -13.89
N ILE B 246 -7.69 29.16 -14.56
CA ILE B 246 -9.06 29.54 -14.75
C ILE B 246 -9.20 30.28 -16.06
N GLY B 247 -10.13 29.82 -16.89
CA GLY B 247 -10.34 30.43 -18.19
C GLY B 247 -11.74 30.98 -18.34
N ARG B 248 -11.88 32.05 -19.09
CA ARG B 248 -13.19 32.51 -19.51
C ARG B 248 -13.22 32.70 -21.00
N TYR B 249 -14.27 32.16 -21.63
CA TYR B 249 -14.36 32.11 -23.08
C TYR B 249 -15.67 32.72 -23.55
N LEU B 250 -15.58 33.40 -24.69
CA LEU B 250 -16.70 34.11 -25.28
C LEU B 250 -16.75 33.79 -26.76
N THR B 251 -17.96 33.54 -27.28
CA THR B 251 -18.14 33.59 -28.72
C THR B 251 -18.44 35.04 -29.10
N LEU B 252 -17.72 35.55 -30.09
CA LEU B 252 -17.92 36.91 -30.55
C LEU B 252 -19.26 37.01 -31.25
N PRO B 253 -19.86 38.21 -31.26
CA PRO B 253 -21.14 38.46 -31.95
C PRO B 253 -21.06 38.12 -33.43
N TYR B 254 -19.91 38.37 -34.03
CA TYR B 254 -19.71 38.06 -35.44
C TYR B 254 -18.22 37.83 -35.70
N ASN B 255 -17.91 37.01 -36.69
CA ASN B 255 -16.52 36.74 -37.01
C ASN B 255 -15.76 37.99 -37.45
N THR B 256 -14.52 38.12 -36.99
CA THR B 256 -13.65 39.23 -37.37
C THR B 256 -12.24 39.02 -36.89
N ARG B 257 -11.31 39.77 -37.48
CA ARG B 257 -9.95 39.80 -36.97
C ARG B 257 -9.51 41.22 -36.65
N ASP B 258 -10.48 42.10 -36.39
CA ASP B 258 -10.19 43.47 -35.96
C ASP B 258 -10.05 43.54 -34.44
N VAL B 259 -8.82 43.72 -33.97
CA VAL B 259 -8.53 43.75 -32.54
C VAL B 259 -9.37 44.79 -31.82
N LYS B 260 -9.60 45.93 -32.46
CA LYS B 260 -10.47 46.96 -31.89
C LYS B 260 -11.86 46.44 -31.53
N VAL B 261 -12.40 45.53 -32.34
CA VAL B 261 -13.69 44.90 -32.07
C VAL B 261 -13.60 43.79 -31.01
N ILE B 262 -12.63 42.91 -31.15
CA ILE B 262 -12.43 41.78 -30.22
C ILE B 262 -12.17 42.21 -28.78
N LEU B 263 -11.42 43.30 -28.63
CA LEU B 263 -10.84 43.71 -27.34
C LEU B 263 -11.78 43.81 -26.15
N PRO B 264 -12.96 44.45 -26.32
CA PRO B 264 -13.81 44.56 -25.13
C PRO B 264 -14.28 43.20 -24.64
N TYR B 265 -14.40 42.24 -25.55
CA TYR B 265 -14.79 40.89 -25.18
C TYR B 265 -13.64 40.22 -24.45
N LEU B 266 -12.43 40.45 -24.93
CA LEU B 266 -11.23 39.99 -24.26
C LEU B 266 -11.22 40.57 -22.85
N LYS B 267 -11.41 41.88 -22.75
CA LYS B 267 -11.49 42.54 -21.46
C LYS B 267 -12.58 41.92 -20.60
N LYS B 268 -13.73 41.68 -21.21
CA LYS B 268 -14.85 41.08 -20.49
C LYS B 268 -14.43 39.71 -19.95
N ALA B 269 -13.79 38.92 -20.80
CA ALA B 269 -13.34 37.60 -20.40
C ALA B 269 -12.30 37.70 -19.28
N ILE B 270 -11.48 38.74 -19.34
CA ILE B 270 -10.41 38.95 -18.37
C ILE B 270 -10.99 39.28 -17.00
N ASN B 271 -11.95 40.20 -17.00
CA ASN B 271 -12.61 40.60 -15.76
C ASN B 271 -13.28 39.42 -15.09
N GLU B 272 -13.86 38.53 -15.89
CA GLU B 272 -14.59 37.39 -15.35
C GLU B 272 -13.66 36.37 -14.71
N ALA B 273 -12.53 36.12 -15.33
CA ALA B 273 -11.57 35.19 -14.77
C ALA B 273 -11.00 35.76 -13.46
N TYR B 274 -10.65 37.03 -13.48
CA TYR B 274 -10.08 37.65 -12.29
C TYR B 274 -11.07 37.67 -11.14
N ASN B 275 -12.35 37.76 -11.48
CA ASN B 275 -13.39 37.76 -10.47
C ASN B 275 -13.46 36.43 -9.71
N LYS B 276 -12.90 35.38 -10.30
CA LYS B 276 -13.01 34.05 -9.72
C LYS B 276 -11.66 33.37 -9.48
N VAL B 277 -10.58 33.99 -9.96
CA VAL B 277 -9.26 33.35 -9.95
C VAL B 277 -8.78 32.92 -8.56
N ASN B 278 -9.07 33.73 -7.55
CA ASN B 278 -8.67 33.45 -6.18
C ASN B 278 -7.16 33.35 -5.99
N GLY B 279 -6.48 34.45 -6.27
CA GLY B 279 -5.04 34.48 -6.20
C GLY B 279 -4.49 35.29 -7.35
N ILE B 280 -3.17 35.29 -7.51
CA ILE B 280 -2.53 36.10 -8.52
C ILE B 280 -1.74 35.24 -9.50
N PRO B 281 -2.15 35.28 -10.79
CA PRO B 281 -1.54 34.48 -11.85
C PRO B 281 -0.22 35.09 -12.30
N MET B 282 0.74 34.23 -12.63
CA MET B 282 2.00 34.73 -13.19
C MET B 282 2.02 34.55 -14.70
N ARG B 283 1.05 33.80 -15.23
CA ARG B 283 0.97 33.61 -16.66
C ARG B 283 -0.40 33.94 -17.23
N ILE B 284 -0.41 34.69 -18.32
CA ILE B 284 -1.66 34.96 -19.00
C ILE B 284 -1.57 34.47 -20.45
N THR B 285 -2.53 33.64 -20.83
CA THR B 285 -2.59 33.10 -22.19
C THR B 285 -3.85 33.61 -22.91
N VAL B 286 -3.67 34.02 -24.17
CA VAL B 286 -4.79 34.44 -25.00
C VAL B 286 -5.15 33.34 -26.00
N ILE B 287 -6.41 32.94 -26.02
CA ILE B 287 -6.86 31.88 -26.90
C ILE B 287 -7.84 32.40 -27.95
N ALA B 288 -7.60 32.08 -29.21
CA ALA B 288 -8.48 32.50 -30.28
C ALA B 288 -8.92 31.27 -31.06
N ILE B 289 -10.23 31.11 -31.23
CA ILE B 289 -10.76 30.05 -32.06
C ILE B 289 -11.15 30.67 -33.40
N MET B 290 -10.49 30.23 -34.46
CA MET B 290 -10.68 30.81 -35.80
C MET B 290 -11.95 30.29 -36.48
N GLU B 291 -12.16 30.69 -37.73
CA GLU B 291 -13.38 30.37 -38.46
C GLU B 291 -13.60 28.88 -38.58
N ASP B 292 -12.52 28.17 -38.88
CA ASP B 292 -12.55 26.71 -39.08
C ASP B 292 -12.57 25.97 -37.74
N LEU B 293 -12.62 26.74 -36.66
CA LEU B 293 -12.56 26.23 -35.29
C LEU B 293 -11.17 25.70 -34.92
N ASP B 294 -10.15 26.14 -35.64
CA ASP B 294 -8.77 25.87 -35.21
C ASP B 294 -8.46 26.73 -33.98
N ILE B 295 -7.55 26.25 -33.13
CA ILE B 295 -7.27 26.90 -31.87
C ILE B 295 -5.85 27.47 -31.78
N LEU B 296 -5.75 28.79 -31.76
CA LEU B 296 -4.45 29.46 -31.61
C LEU B 296 -4.31 29.97 -30.18
N SER B 297 -3.15 29.78 -29.57
CA SER B 297 -2.91 30.37 -28.26
C SER B 297 -1.57 31.09 -28.20
N LYS B 298 -1.52 32.16 -27.41
CA LYS B 298 -0.29 32.92 -27.21
C LYS B 298 -0.23 33.34 -25.75
N GLY B 299 0.75 32.81 -25.02
CA GLY B 299 0.85 33.09 -23.60
C GLY B 299 2.14 33.76 -23.17
N LYS B 300 2.11 34.38 -22.00
CA LYS B 300 3.30 34.97 -21.44
C LYS B 300 3.33 34.78 -19.94
N LYS B 301 4.43 34.22 -19.44
CA LYS B 301 4.63 34.03 -18.01
C LYS B 301 5.63 35.05 -17.50
N PHE B 302 5.27 35.73 -16.41
CA PHE B 302 6.15 36.73 -15.83
C PHE B 302 6.76 36.24 -14.53
N LYS B 303 7.85 36.87 -14.09
CA LYS B 303 8.53 36.44 -12.87
C LYS B 303 7.82 36.95 -11.63
N HIS B 304 6.78 37.72 -11.83
CA HIS B 304 5.98 38.22 -10.74
C HIS B 304 4.52 37.98 -11.10
N GLY B 305 3.61 38.38 -10.21
CA GLY B 305 2.19 38.25 -10.46
C GLY B 305 1.68 39.33 -11.38
N ILE B 306 0.51 39.10 -11.96
CA ILE B 306 -0.08 40.02 -12.92
C ILE B 306 -1.38 40.60 -12.39
N SER B 307 -1.45 41.90 -12.26
CA SER B 307 -2.69 42.53 -11.85
C SER B 307 -3.64 42.62 -13.04
N ILE B 308 -4.92 42.86 -12.73
CA ILE B 308 -5.98 42.98 -13.73
C ILE B 308 -5.68 44.10 -14.76
N ASP B 309 -5.30 45.28 -14.27
CA ASP B 309 -5.02 46.40 -15.16
C ASP B 309 -3.84 46.08 -16.06
N ASN B 310 -2.86 45.38 -15.53
CA ASN B 310 -1.72 44.92 -16.31
C ASN B 310 -2.17 43.87 -17.35
N ALA B 311 -2.98 42.92 -16.87
CA ALA B 311 -3.51 41.85 -17.71
C ALA B 311 -4.19 42.37 -18.98
N TYR B 312 -4.91 43.48 -18.86
CA TYR B 312 -5.50 44.11 -20.05
C TYR B 312 -4.45 44.36 -21.15
N LYS B 313 -3.40 45.08 -20.79
CA LYS B 313 -2.36 45.46 -21.71
C LYS B 313 -1.61 44.25 -22.28
N VAL B 314 -1.34 43.29 -21.40
CA VAL B 314 -0.62 42.09 -21.83
C VAL B 314 -1.45 41.28 -22.84
N ALA B 315 -2.71 41.00 -22.47
CA ALA B 315 -3.59 40.21 -23.31
C ALA B 315 -3.82 40.91 -24.64
N GLU B 316 -3.94 42.24 -24.62
CA GLU B 316 -4.07 42.95 -25.88
C GLU B 316 -2.87 42.69 -26.75
N ASP B 317 -1.67 42.87 -26.21
CA ASP B 317 -0.46 42.60 -26.99
C ASP B 317 -0.46 41.18 -27.56
N LEU B 318 -0.77 40.20 -26.71
CA LEU B 318 -0.76 38.80 -27.07
C LEU B 318 -1.70 38.48 -28.24
N LEU B 319 -2.95 38.91 -28.12
CA LEU B 319 -3.92 38.74 -29.21
C LEU B 319 -3.41 39.40 -30.49
N ARG B 320 -2.97 40.64 -30.34
CA ARG B 320 -2.45 41.41 -31.46
C ARG B 320 -1.35 40.65 -32.19
N GLU B 321 -0.52 39.94 -31.44
CA GLU B 321 0.53 39.09 -32.02
C GLU B 321 -0.02 37.82 -32.69
N LEU B 322 -0.97 37.18 -32.03
CA LEU B 322 -1.67 36.04 -32.62
C LEU B 322 -2.20 36.37 -34.01
N LEU B 323 -2.73 37.57 -34.16
CA LEU B 323 -3.35 37.96 -35.43
C LEU B 323 -2.33 38.37 -36.48
N VAL B 324 -1.05 38.25 -36.15
CA VAL B 324 -0.01 38.34 -37.17
C VAL B 324 0.55 36.94 -37.43
N ARG B 325 0.37 36.05 -36.45
CA ARG B 325 0.78 34.66 -36.65
C ARG B 325 -0.02 33.96 -37.77
N ASP B 326 -1.26 34.36 -37.97
CA ASP B 326 -2.09 33.77 -39.01
C ASP B 326 -2.23 34.68 -40.24
N LYS B 327 -2.78 35.87 -40.00
CA LYS B 327 -3.04 36.88 -41.03
C LYS B 327 -4.23 36.62 -41.96
N ARG B 328 -4.68 35.36 -42.06
CA ARG B 328 -5.73 35.01 -43.01
C ARG B 328 -7.12 34.91 -42.40
N ARG B 329 -7.22 34.17 -41.30
CA ARG B 329 -8.52 33.77 -40.77
C ARG B 329 -9.16 34.75 -39.79
N ASN B 330 -10.48 34.86 -39.86
CA ASN B 330 -11.23 35.62 -38.88
C ASN B 330 -11.31 34.83 -37.57
N VAL B 331 -11.64 35.54 -36.49
CA VAL B 331 -11.81 34.91 -35.20
C VAL B 331 -13.31 34.79 -34.91
N ARG B 332 -13.72 33.64 -34.37
CA ARG B 332 -15.12 33.40 -34.01
C ARG B 332 -15.27 33.43 -32.51
N ARG B 333 -14.28 32.89 -31.81
CA ARG B 333 -14.35 32.78 -30.36
C ARG B 333 -13.04 33.22 -29.70
N ILE B 334 -13.14 34.09 -28.70
CA ILE B 334 -11.96 34.54 -27.99
C ILE B 334 -11.98 33.98 -26.56
N GLY B 335 -10.81 33.80 -25.98
CA GLY B 335 -10.71 33.26 -24.63
C GLY B 335 -9.48 33.73 -23.88
N VAL B 336 -9.54 33.63 -22.55
CA VAL B 336 -8.41 33.99 -21.71
C VAL B 336 -8.18 32.93 -20.64
N LYS B 337 -6.90 32.61 -20.41
CA LYS B 337 -6.53 31.64 -19.38
C LYS B 337 -5.52 32.24 -18.41
N LEU B 338 -5.82 32.12 -17.13
CA LEU B 338 -4.93 32.62 -16.10
C LEU B 338 -4.41 31.43 -15.32
N ASP B 339 -3.10 31.34 -15.17
CA ASP B 339 -2.51 30.24 -14.41
C ASP B 339 -1.19 30.62 -13.73
N ASN B 340 -0.51 29.64 -13.16
CA ASN B 340 0.63 29.87 -12.26
C ASN B 340 0.20 30.81 -11.15
N ILE B 341 -0.84 30.39 -10.44
CA ILE B 341 -1.49 31.21 -9.43
C ILE B 341 -0.65 31.32 -8.17
N ILE B 342 -0.38 32.56 -7.74
CA ILE B 342 0.24 32.77 -6.45
C ILE B 342 -0.88 32.58 -5.44
N ILE B 343 -0.80 31.51 -4.66
CA ILE B 343 -1.85 31.22 -3.68
C ILE B 343 -1.49 31.78 -2.30
N1 DCP G . 16.72 -16.52 23.48
C2 DCP G . 16.98 -17.72 23.99
N3 DCP G . 18.15 -18.33 23.80
C4 DCP G . 19.11 -17.72 23.08
C5 DCP G . 18.87 -16.45 22.54
C6 DCP G . 17.63 -15.84 22.76
O2 DCP G . 16.03 -18.36 24.72
N4 DCP G . 20.38 -18.39 22.88
C1' DCP G . 15.40 -15.93 23.76
C2' DCP G . 15.53 -15.05 24.92
C3' DCP G . 15.48 -13.70 24.33
C4' DCP G . 14.56 -13.86 23.26
O4' DCP G . 14.94 -15.15 22.70
O3' DCP G . 14.99 -12.81 25.26
C5' DCP G . 14.75 -12.82 22.25
O5' DCP G . 15.94 -12.88 21.53
PA DCP G . 16.84 -11.60 21.38
O1A DCP G . 17.81 -11.75 20.27
O2A DCP G . 16.06 -10.47 20.84
O3A DCP G . 17.60 -11.29 22.72
PB DCP G . 17.08 -10.31 23.84
O1B DCP G . 15.60 -10.27 24.09
O2B DCP G . 17.48 -10.90 25.15
O3B DCP G . 17.67 -8.87 23.56
CA CA H . 14.22 -8.70 22.14
CA CA I . 14.50 -10.11 18.39
CA CA J . -21.99 11.88 -14.72
CA CA K . -18.02 11.73 -14.91
N1 DCP L . -20.20 18.18 -20.02
C2 DCP L . -20.00 19.22 -20.83
N3 DCP L . -19.54 19.09 -22.08
C4 DCP L . -19.28 17.85 -22.55
C5 DCP L . -19.48 16.74 -21.75
C6 DCP L . -19.95 16.92 -20.44
O2 DCP L . -20.25 20.48 -20.39
N4 DCP L . -18.80 17.72 -23.90
C1' DCP L . -20.71 18.42 -18.65
C2' DCP L . -22.13 18.09 -18.56
C3' DCP L . -22.17 16.80 -17.85
C4' DCP L . -21.04 16.88 -16.96
O4' DCP L . -20.06 17.69 -17.65
O3' DCP L . -23.38 16.65 -17.18
C5' DCP L . -20.48 15.56 -16.72
O5' DCP L . -20.14 14.83 -17.89
PA DCP L . -20.33 13.28 -17.91
O1A DCP L . -19.19 12.63 -18.63
O2A DCP L . -20.09 12.74 -16.57
O3A DCP L . -21.74 12.86 -18.47
PB DCP L . -23.16 13.05 -17.75
O1B DCP L . -23.17 13.82 -16.47
O2B DCP L . -24.01 14.02 -18.54
O3B DCP L . -23.89 11.66 -17.57
#